data_8S65
#
_entry.id   8S65
#
_cell.length_a   159.524
_cell.length_b   159.524
_cell.length_c   75.873
_cell.angle_alpha   90.000
_cell.angle_beta   90.000
_cell.angle_gamma   120.000
#
_symmetry.space_group_name_H-M   'P 65'
#
loop_
_entity.id
_entity.type
_entity.pdbx_description
1 polymer '1-deoxy-D-xylulose-5-phosphate reductoisomerase'
2 non-polymer 'NADP NICOTINAMIDE-ADENINE-DINUCLEOTIDE PHOSPHATE'
3 non-polymer '3-[FORMYL(HYDROXY)AMINO]PROPYLPHOSPHONIC ACID'
4 non-polymer 'CHLORIDE ION'
5 non-polymer 'MAGNESIUM ION'
6 water water
#
_entity_poly.entity_id   1
_entity_poly.type   'polypeptide(L)'
_entity_poly.pdbx_seq_one_letter_code
;MGHHHHHHHHHHSSGHIEGRHMSTRVKRLVVLGSTGSIGKSTLEIAREFPDIFQIVGLAAGGSNLALLAEQVAAFRPQYV
YLGDSSKVAELQERLNDHERSAAFPRPRLLLGDEGLAELACVPNYDILVSAIVGFKGVLPTLKALEAGKDVALANKEALV
AAGPVFRCLLSTRGLLYGDQERQDRHERSHRSGDQEGDREEDTDGDRREECDKRRAKAGQKCGLLLPVDSEHSAIFQALQ
GVPASCYPPRKLLLTASGGPFRGRTRDELEQVTLESALKHPKWSMGAKITIDSATLMNKGLEVIEAHFAFGCPYSSIEVL
VHPQAVIHSAVELRDGATLAQLGLPDMKLPIAYALTWPHRLAAPWSAGVDLTREGNLTFEKPDLNTFGCLGLAYEAGERG
GVAPACLNAANEVAVERFRNKEIGFVDIEDTVRHVMALQERERDNFSDVSLQDVFDADHWARTAARAFKPRK
;
_entity_poly.pdbx_strand_id   A,B
#
loop_
_chem_comp.id
_chem_comp.type
_chem_comp.name
_chem_comp.formula
CL non-polymer 'CHLORIDE ION' 'Cl -1'
FOM non-polymer '3-[FORMYL(HYDROXY)AMINO]PROPYLPHOSPHONIC ACID' 'C4 H10 N O5 P'
MG non-polymer 'MAGNESIUM ION' 'Mg 2'
NAP non-polymer 'NADP NICOTINAMIDE-ADENINE-DINUCLEOTIDE PHOSPHATE' 'C21 H28 N7 O17 P3'
#
# COMPACT_ATOMS: atom_id res chain seq x y z
N ARG A 25 20.20 -13.32 18.56
CA ARG A 25 19.79 -12.09 17.90
C ARG A 25 20.38 -12.05 16.47
N VAL A 26 21.57 -12.62 16.31
CA VAL A 26 22.08 -12.83 14.97
C VAL A 26 21.16 -13.82 14.29
N LYS A 27 20.99 -13.65 12.98
CA LYS A 27 20.26 -14.62 12.18
C LYS A 27 21.28 -15.45 11.41
N ARG A 28 21.32 -16.74 11.72
CA ARG A 28 22.19 -17.68 11.02
C ARG A 28 21.51 -18.12 9.74
N LEU A 29 22.16 -17.95 8.61
CA LEU A 29 21.56 -18.26 7.33
C LEU A 29 22.20 -19.49 6.72
N VAL A 30 21.39 -20.27 5.99
CA VAL A 30 21.88 -21.27 5.03
C VAL A 30 21.35 -20.85 3.67
N VAL A 31 22.24 -20.56 2.73
CA VAL A 31 21.83 -20.02 1.44
C VAL A 31 21.94 -21.13 0.43
N LEU A 32 20.82 -21.56 -0.17
CA LEU A 32 20.86 -22.55 -1.25
C LEU A 32 20.87 -21.85 -2.60
N GLY A 33 21.83 -22.22 -3.45
CA GLY A 33 22.01 -21.49 -4.70
C GLY A 33 22.70 -20.17 -4.46
N SER A 34 23.84 -20.20 -3.75
CA SER A 34 24.53 -18.98 -3.35
C SER A 34 25.15 -18.22 -4.51
N THR A 35 25.46 -18.93 -5.61
CA THR A 35 26.12 -18.40 -6.79
C THR A 35 25.17 -17.77 -7.79
N GLY A 36 23.87 -17.93 -7.62
CA GLY A 36 22.93 -17.32 -8.54
C GLY A 36 22.62 -15.88 -8.17
N SER A 37 21.71 -15.31 -8.96
CA SER A 37 21.23 -13.95 -8.76
C SER A 37 20.76 -13.72 -7.33
N ILE A 38 19.81 -14.53 -6.89
CA ILE A 38 19.27 -14.37 -5.54
C ILE A 38 20.34 -14.65 -4.50
N GLY A 39 21.13 -15.73 -4.69
CA GLY A 39 22.13 -16.05 -3.69
C GLY A 39 23.12 -14.91 -3.48
N LYS A 40 23.62 -14.34 -4.57
CA LYS A 40 24.61 -13.29 -4.42
C LYS A 40 24.04 -12.05 -3.78
N SER A 41 22.81 -11.67 -4.15
CA SER A 41 22.18 -10.51 -3.51
C SER A 41 22.01 -10.75 -2.02
N THR A 42 21.69 -12.00 -1.65
CA THR A 42 21.59 -12.36 -0.24
C THR A 42 22.90 -12.10 0.44
N LEU A 43 24.00 -12.59 -0.14
CA LEU A 43 25.28 -12.41 0.54
C LEU A 43 25.71 -10.96 0.52
N GLU A 44 25.29 -10.18 -0.50
CA GLU A 44 25.57 -8.75 -0.44
C GLU A 44 24.97 -8.13 0.82
N ILE A 45 23.72 -8.53 1.15
CA ILE A 45 23.09 -8.11 2.40
C ILE A 45 23.88 -8.61 3.61
N ALA A 46 24.23 -9.90 3.62
CA ALA A 46 24.98 -10.43 4.76
C ALA A 46 26.28 -9.66 4.95
N ARG A 47 26.93 -9.32 3.86
CA ARG A 47 28.15 -8.57 3.98
C ARG A 47 27.90 -7.17 4.52
N GLU A 48 26.79 -6.51 4.13
CA GLU A 48 26.63 -5.14 4.64
C GLU A 48 26.19 -5.13 6.09
N PHE A 49 25.59 -6.20 6.58
CA PHE A 49 25.09 -6.25 7.94
C PHE A 49 25.67 -7.47 8.63
N PRO A 50 26.99 -7.51 8.77
CA PRO A 50 27.64 -8.70 9.37
C PRO A 50 27.34 -8.85 10.83
N ASP A 51 26.95 -7.77 11.51
CA ASP A 51 26.50 -7.90 12.90
C ASP A 51 25.15 -8.63 13.00
N ILE A 52 24.31 -8.53 11.96
CA ILE A 52 23.00 -9.17 11.99
C ILE A 52 23.03 -10.59 11.44
N PHE A 53 23.80 -10.82 10.38
CA PHE A 53 23.72 -12.06 9.60
C PHE A 53 25.04 -12.82 9.68
N GLN A 54 24.93 -14.10 9.94
CA GLN A 54 26.06 -15.02 9.95
C GLN A 54 25.71 -16.14 8.98
N ILE A 55 26.69 -16.56 8.16
CA ILE A 55 26.47 -17.56 7.13
C ILE A 55 26.99 -18.89 7.64
N VAL A 56 26.12 -19.84 7.88
CA VAL A 56 26.61 -21.15 8.28
C VAL A 56 26.70 -22.12 7.11
N GLY A 57 25.96 -21.90 6.03
CA GLY A 57 25.92 -22.88 4.97
C GLY A 57 25.74 -22.26 3.61
N LEU A 58 26.37 -22.87 2.63
CA LEU A 58 26.20 -22.45 1.26
C LEU A 58 25.98 -23.71 0.47
N ALA A 59 25.22 -23.60 -0.62
CA ALA A 59 24.96 -24.69 -1.55
C ALA A 59 24.98 -24.10 -2.95
N ALA A 60 25.57 -24.85 -3.86
CA ALA A 60 25.66 -24.40 -5.24
C ALA A 60 25.75 -25.64 -6.11
N GLY A 61 25.58 -25.43 -7.40
CA GLY A 61 25.63 -26.59 -8.26
C GLY A 61 26.96 -26.98 -8.87
N GLY A 62 27.98 -26.15 -8.81
CA GLY A 62 29.27 -26.53 -9.34
C GLY A 62 29.60 -25.91 -10.68
N SER A 63 28.64 -25.22 -11.30
CA SER A 63 28.93 -24.57 -12.56
C SER A 63 29.85 -23.35 -12.40
N ASN A 64 29.95 -22.77 -11.17
CA ASN A 64 30.77 -21.59 -10.91
C ASN A 64 31.57 -21.72 -9.60
N LEU A 65 32.53 -22.64 -9.60
CA LEU A 65 33.29 -22.93 -8.39
C LEU A 65 34.23 -21.81 -8.03
N ALA A 66 34.63 -20.98 -8.99
CA ALA A 66 35.47 -19.85 -8.58
C ALA A 66 34.73 -18.95 -7.60
N LEU A 67 33.42 -18.73 -7.86
CA LEU A 67 32.61 -17.86 -6.98
C LEU A 67 32.27 -18.55 -5.66
N LEU A 68 31.91 -19.84 -5.71
CA LEU A 68 31.70 -20.58 -4.46
C LEU A 68 32.95 -20.53 -3.58
N ALA A 69 34.12 -20.72 -4.18
CA ALA A 69 35.33 -20.71 -3.37
C ALA A 69 35.54 -19.35 -2.73
N GLU A 70 35.35 -18.28 -3.50
CA GLU A 70 35.49 -16.96 -2.88
C GLU A 70 34.39 -16.70 -1.87
N GLN A 71 33.19 -17.25 -2.06
CA GLN A 71 32.15 -17.08 -1.06
C GLN A 71 32.50 -17.82 0.22
N VAL A 72 33.01 -19.05 0.10
CA VAL A 72 33.38 -19.81 1.30
C VAL A 72 34.44 -19.05 2.10
N ALA A 73 35.47 -18.57 1.41
CA ALA A 73 36.58 -17.84 2.03
C ALA A 73 36.09 -16.58 2.73
N ALA A 74 35.12 -15.88 2.14
CA ALA A 74 34.64 -14.63 2.73
C ALA A 74 33.77 -14.88 3.97
N PHE A 75 32.78 -15.75 3.83
CA PHE A 75 31.77 -15.96 4.87
C PHE A 75 32.00 -17.17 5.76
N ARG A 76 32.95 -18.05 5.47
CA ARG A 76 33.30 -19.12 6.34
C ARG A 76 32.11 -19.94 6.81
N PRO A 77 31.38 -20.52 5.80
CA PRO A 77 30.32 -21.47 6.19
C PRO A 77 30.92 -22.72 6.84
N GLN A 78 30.16 -23.29 7.79
CA GLN A 78 30.50 -24.54 8.42
C GLN A 78 30.16 -25.70 7.51
N TYR A 79 29.20 -25.51 6.60
CA TYR A 79 28.76 -26.57 5.71
C TYR A 79 28.67 -26.09 4.28
N VAL A 80 29.07 -26.90 3.31
CA VAL A 80 28.87 -26.54 1.92
C VAL A 80 28.37 -27.74 1.14
N TYR A 81 27.32 -27.55 0.36
CA TYR A 81 26.76 -28.61 -0.45
C TYR A 81 27.12 -28.32 -1.89
N LEU A 82 27.50 -29.36 -2.61
CA LEU A 82 27.93 -29.22 -3.98
C LEU A 82 27.08 -30.16 -4.84
N GLY A 83 26.36 -29.58 -5.80
CA GLY A 83 25.40 -30.34 -6.56
C GLY A 83 26.03 -31.32 -7.53
N ASP A 84 27.24 -31.03 -7.99
CA ASP A 84 27.99 -31.91 -8.90
C ASP A 84 29.22 -32.40 -8.14
N SER A 85 29.20 -33.67 -7.73
CA SER A 85 30.28 -34.26 -6.95
C SER A 85 31.57 -34.39 -7.75
N SER A 86 31.50 -34.29 -9.08
CA SER A 86 32.70 -34.46 -9.88
C SER A 86 33.69 -33.34 -9.61
N LYS A 87 33.22 -32.18 -9.15
CA LYS A 87 34.09 -31.02 -8.98
C LYS A 87 34.54 -30.82 -7.53
N VAL A 88 34.54 -31.86 -6.70
CA VAL A 88 35.16 -31.70 -5.38
C VAL A 88 36.64 -31.34 -5.50
N ALA A 89 37.37 -31.95 -6.44
CA ALA A 89 38.81 -31.72 -6.47
C ALA A 89 39.11 -30.27 -6.85
N GLU A 90 38.37 -29.72 -7.81
CA GLU A 90 38.57 -28.34 -8.20
C GLU A 90 38.19 -27.37 -7.06
N LEU A 91 37.10 -27.64 -6.35
CA LEU A 91 36.77 -26.80 -5.21
C LEU A 91 37.89 -26.81 -4.20
N GLN A 92 38.42 -28.00 -3.86
CA GLN A 92 39.51 -28.09 -2.89
C GLN A 92 40.70 -27.27 -3.34
N GLU A 93 41.02 -27.31 -4.62
CA GLU A 93 42.13 -26.51 -5.12
C GLU A 93 41.86 -25.02 -4.92
N ARG A 94 40.71 -24.54 -5.40
CA ARG A 94 40.44 -23.11 -5.28
C ARG A 94 40.37 -22.68 -3.81
N LEU A 95 39.86 -23.53 -2.92
CA LEU A 95 39.90 -23.18 -1.51
C LEU A 95 41.34 -23.09 -1.03
N ASN A 96 42.21 -23.98 -1.52
CA ASN A 96 43.60 -23.99 -1.10
C ASN A 96 44.33 -22.73 -1.52
N ASP A 97 43.96 -22.15 -2.68
CA ASP A 97 44.49 -20.85 -3.06
C ASP A 97 44.04 -19.77 -2.09
N HIS A 98 42.75 -19.75 -1.74
CA HIS A 98 42.27 -18.74 -0.80
C HIS A 98 42.93 -18.91 0.54
N GLU A 99 43.19 -20.16 0.97
CA GLU A 99 43.81 -20.36 2.27
C GLU A 99 45.19 -19.72 2.36
N ARG A 100 45.92 -19.67 1.23
CA ARG A 100 47.26 -19.09 1.20
C ARG A 100 47.21 -17.58 1.35
N SER A 101 46.25 -16.93 0.72
CA SER A 101 46.00 -15.52 1.01
C SER A 101 45.55 -15.31 2.46
N ALA A 102 44.56 -16.03 2.93
CA ALA A 102 44.12 -15.89 4.32
C ALA A 102 43.52 -17.19 4.81
N ALA A 103 43.91 -17.63 6.00
CA ALA A 103 43.47 -18.92 6.49
C ALA A 103 42.04 -18.81 7.03
N PHE A 104 41.21 -19.82 6.74
CA PHE A 104 39.85 -19.92 7.26
C PHE A 104 39.49 -21.38 7.52
N PRO A 105 38.62 -21.65 8.49
CA PRO A 105 38.24 -23.05 8.79
C PRO A 105 37.55 -23.72 7.61
N ARG A 106 38.08 -24.87 7.17
CA ARG A 106 37.55 -25.53 5.98
C ARG A 106 36.18 -26.12 6.31
N PRO A 107 35.19 -25.99 5.43
CA PRO A 107 33.84 -26.46 5.73
C PRO A 107 33.67 -27.94 5.50
N ARG A 108 32.62 -28.50 6.10
CA ARG A 108 32.33 -29.89 5.81
C ARG A 108 31.51 -29.94 4.53
N LEU A 109 31.95 -30.73 3.57
CA LEU A 109 31.27 -30.82 2.29
C LEU A 109 30.18 -31.88 2.34
N LEU A 110 29.03 -31.53 1.79
CA LEU A 110 27.88 -32.39 1.72
C LEU A 110 27.57 -32.66 0.26
N LEU A 111 27.29 -33.91 -0.08
CA LEU A 111 27.09 -34.22 -1.49
C LEU A 111 25.95 -35.21 -1.67
N GLY A 112 25.56 -35.41 -2.93
CA GLY A 112 24.56 -36.37 -3.25
C GLY A 112 23.18 -35.81 -3.03
N ASP A 113 22.18 -36.63 -3.34
CA ASP A 113 20.77 -36.24 -3.17
C ASP A 113 20.43 -36.05 -1.69
N GLU A 114 20.96 -36.92 -0.83
CA GLU A 114 20.90 -36.71 0.62
C GLU A 114 21.69 -35.53 1.14
N GLY A 115 22.58 -34.91 0.37
CA GLY A 115 23.32 -33.79 0.93
C GLY A 115 22.44 -32.58 1.20
N LEU A 116 21.61 -32.21 0.23
CA LEU A 116 20.77 -31.03 0.37
C LEU A 116 19.83 -31.20 1.55
N ALA A 117 19.34 -32.43 1.75
CA ALA A 117 18.48 -32.68 2.89
C ALA A 117 19.23 -32.57 4.20
N GLU A 118 20.45 -33.08 4.26
CA GLU A 118 21.18 -32.99 5.52
C GLU A 118 21.52 -31.54 5.86
N LEU A 119 21.85 -30.74 4.85
CA LEU A 119 22.20 -29.34 5.07
C LEU A 119 21.01 -28.59 5.64
N ALA A 120 19.83 -28.87 5.09
CA ALA A 120 18.62 -28.19 5.50
C ALA A 120 18.24 -28.57 6.90
N CYS A 121 18.67 -29.74 7.32
CA CYS A 121 18.39 -30.22 8.65
C CYS A 121 19.46 -29.88 9.67
N VAL A 122 20.50 -29.15 9.32
CA VAL A 122 21.49 -28.91 10.37
C VAL A 122 20.84 -28.06 11.44
N PRO A 123 21.00 -28.38 12.72
CA PRO A 123 20.70 -27.39 13.76
C PRO A 123 21.72 -26.31 13.52
N ASN A 124 21.76 -25.30 14.33
CA ASN A 124 22.76 -24.24 14.22
C ASN A 124 22.46 -23.27 13.10
N TYR A 125 21.23 -23.13 12.62
CA TYR A 125 20.94 -22.07 11.66
C TYR A 125 19.48 -21.71 11.84
N ASP A 126 19.15 -20.45 11.55
CA ASP A 126 17.81 -19.91 11.76
C ASP A 126 16.98 -19.89 10.48
N ILE A 127 17.57 -19.44 9.39
CA ILE A 127 16.81 -19.18 8.17
C ILE A 127 17.46 -19.88 6.99
N LEU A 128 16.64 -20.52 6.19
CA LEU A 128 17.03 -21.16 4.95
C LEU A 128 16.63 -20.26 3.79
N VAL A 129 17.60 -19.74 3.06
CA VAL A 129 17.30 -18.99 1.85
C VAL A 129 17.25 -20.00 0.72
N SER A 130 16.03 -20.38 0.30
CA SER A 130 15.84 -21.39 -0.73
C SER A 130 15.84 -20.68 -2.07
N ALA A 131 17.03 -20.60 -2.68
CA ALA A 131 17.17 -19.96 -3.99
C ALA A 131 17.66 -20.92 -5.03
N ILE A 132 17.48 -22.22 -4.82
CA ILE A 132 17.74 -23.20 -5.88
C ILE A 132 16.63 -23.09 -6.90
N VAL A 133 16.95 -23.36 -8.11
CA VAL A 133 15.94 -23.29 -9.16
C VAL A 133 15.25 -24.63 -9.34
N GLY A 134 13.93 -24.60 -9.50
CA GLY A 134 13.23 -25.81 -9.90
C GLY A 134 12.79 -26.73 -8.78
N PHE A 135 12.35 -27.94 -9.18
CA PHE A 135 11.82 -28.93 -8.25
C PHE A 135 12.87 -29.46 -7.28
N LYS A 136 14.17 -29.22 -7.52
CA LYS A 136 15.16 -29.80 -6.60
C LYS A 136 15.21 -29.03 -5.30
N GLY A 137 14.50 -27.91 -5.22
CA GLY A 137 14.39 -27.23 -3.96
C GLY A 137 13.25 -27.66 -3.11
N VAL A 138 12.32 -28.47 -3.63
CA VAL A 138 11.12 -28.78 -2.86
C VAL A 138 11.48 -29.41 -1.52
N LEU A 139 12.16 -30.57 -1.55
CA LEU A 139 12.40 -31.32 -0.31
C LEU A 139 13.23 -30.59 0.69
N PRO A 140 14.35 -29.98 0.37
CA PRO A 140 15.10 -29.28 1.40
C PRO A 140 14.22 -28.22 2.02
N THR A 141 13.45 -27.55 1.18
CA THR A 141 12.57 -26.53 1.71
C THR A 141 11.61 -27.14 2.72
N LEU A 142 11.10 -28.35 2.42
CA LEU A 142 10.12 -28.97 3.30
C LEU A 142 10.74 -29.36 4.64
N LYS A 143 11.96 -29.91 4.62
CA LYS A 143 12.50 -30.43 5.88
C LYS A 143 13.02 -29.32 6.77
N ALA A 144 13.44 -28.19 6.20
CA ALA A 144 13.76 -27.03 7.01
C ALA A 144 12.52 -26.50 7.75
N LEU A 145 11.38 -26.39 7.04
CA LEU A 145 10.17 -25.90 7.69
C LEU A 145 9.77 -26.83 8.82
N GLU A 146 9.79 -28.14 8.56
CA GLU A 146 9.49 -29.13 9.59
C GLU A 146 10.51 -29.08 10.71
N ALA A 147 11.74 -28.77 10.41
CA ALA A 147 12.74 -28.69 11.45
C ALA A 147 12.66 -27.42 12.25
N GLY A 148 11.60 -26.65 12.04
CA GLY A 148 11.36 -25.41 12.74
C GLY A 148 12.10 -24.20 12.22
N LYS A 149 12.77 -24.31 11.08
CA LYS A 149 13.51 -23.17 10.57
C LYS A 149 12.63 -22.36 9.63
N ASP A 150 12.82 -21.07 9.65
CA ASP A 150 12.10 -20.21 8.72
C ASP A 150 12.72 -20.38 7.35
N VAL A 151 11.93 -20.19 6.32
CA VAL A 151 12.38 -20.36 4.94
C VAL A 151 12.01 -19.09 4.19
N ALA A 152 13.01 -18.37 3.73
CA ALA A 152 12.81 -17.26 2.81
C ALA A 152 12.78 -17.88 1.42
N LEU A 153 11.60 -18.00 0.82
CA LEU A 153 11.42 -18.90 -0.31
C LEU A 153 11.44 -18.12 -1.61
N ALA A 154 12.52 -18.27 -2.37
CA ALA A 154 12.62 -17.73 -3.72
C ALA A 154 12.10 -18.71 -4.74
N ASN A 155 12.36 -19.97 -4.50
CA ASN A 155 12.04 -21.05 -5.42
C ASN A 155 10.52 -21.18 -5.56
N LYS A 156 9.96 -20.48 -6.53
CA LYS A 156 8.51 -20.53 -6.74
C LYS A 156 8.08 -21.94 -7.16
N GLU A 157 8.91 -22.66 -7.92
CA GLU A 157 8.51 -23.98 -8.41
C GLU A 157 8.09 -24.92 -7.28
N ALA A 158 8.64 -24.79 -6.10
CA ALA A 158 8.21 -25.66 -5.01
C ALA A 158 6.71 -25.53 -4.76
N LEU A 159 6.23 -24.31 -4.57
CA LEU A 159 4.83 -24.07 -4.22
C LEU A 159 3.89 -24.37 -5.38
N VAL A 160 4.34 -24.17 -6.62
CA VAL A 160 3.54 -24.54 -7.79
C VAL A 160 3.25 -26.04 -7.78
N ALA A 161 4.30 -26.84 -7.66
CA ALA A 161 4.24 -28.30 -7.75
C ALA A 161 3.66 -28.92 -6.48
N ALA A 162 4.16 -28.49 -5.32
CA ALA A 162 3.83 -29.14 -4.05
C ALA A 162 2.98 -28.26 -3.15
N GLY A 163 2.20 -27.37 -3.75
CA GLY A 163 1.36 -26.47 -2.98
C GLY A 163 0.56 -27.16 -1.90
N PRO A 164 -0.18 -28.19 -2.30
CA PRO A 164 -1.00 -28.90 -1.29
C PRO A 164 -0.18 -29.41 -0.12
N VAL A 165 1.02 -29.96 -0.38
CA VAL A 165 1.89 -30.44 0.70
C VAL A 165 2.34 -29.29 1.59
N PHE A 166 2.64 -28.12 1.02
CA PHE A 166 2.98 -27.00 1.89
C PHE A 166 1.78 -26.61 2.75
N ARG A 167 0.57 -26.59 2.14
CA ARG A 167 -0.65 -26.23 2.86
C ARG A 167 -0.95 -27.22 3.98
N CYS A 168 -0.78 -28.52 3.71
CA CYS A 168 -0.92 -29.52 4.77
C CYS A 168 0.15 -29.38 5.83
N LEU A 169 1.40 -29.21 5.41
CA LEU A 169 2.47 -29.10 6.41
C LEU A 169 2.29 -27.88 7.31
N LEU A 170 1.94 -26.74 6.72
CA LEU A 170 1.70 -25.56 7.53
C LEU A 170 0.28 -25.50 8.04
N SER A 171 -0.54 -26.51 7.73
CA SER A 171 -1.85 -26.69 8.39
C SER A 171 -2.78 -25.48 8.18
N THR A 172 -2.79 -24.94 6.97
CA THR A 172 -3.55 -23.75 6.63
C THR A 172 -4.01 -23.90 5.20
N ARG A 173 -5.22 -23.43 4.92
CA ARG A 173 -5.68 -23.25 3.55
C ARG A 173 -5.75 -21.76 3.18
N GLY A 174 -5.36 -20.87 4.10
CA GLY A 174 -5.36 -19.46 3.79
C GLY A 174 -3.97 -18.95 3.46
N LEU A 175 -3.51 -18.01 4.28
CA LEU A 175 -2.26 -17.29 4.07
C LEU A 175 -1.14 -18.15 4.62
N LEU A 176 -0.27 -18.68 3.72
CA LEU A 176 0.83 -19.54 4.12
C LEU A 176 2.05 -18.76 4.65
N TYR A 177 2.32 -17.61 4.05
CA TYR A 177 3.41 -16.76 4.51
C TYR A 177 3.08 -16.18 5.88
N GLY A 178 4.11 -15.93 6.68
CA GLY A 178 3.95 -15.26 7.95
C GLY A 178 3.64 -16.21 9.08
N ASP A 179 3.23 -15.61 10.19
CA ASP A 179 2.74 -16.35 11.34
C ASP A 179 1.31 -15.98 11.71
N GLN A 180 0.51 -15.49 10.75
CA GLN A 180 -0.80 -14.94 11.09
C GLN A 180 -1.81 -16.07 11.28
N GLU A 181 -1.29 -17.25 11.65
CA GLU A 181 -2.00 -18.38 12.24
C GLU A 181 -2.54 -18.07 13.63
N ARG A 182 -2.79 -16.80 13.91
CA ARG A 182 -3.29 -16.42 15.23
C ARG A 182 -4.81 -16.61 15.30
N LYS A 221 7.53 -27.60 16.30
CA LYS A 221 6.69 -26.63 15.61
C LYS A 221 7.26 -26.18 14.27
N CYS A 222 6.41 -25.86 13.29
CA CYS A 222 6.90 -25.49 11.98
C CYS A 222 7.44 -24.08 11.96
N GLY A 223 8.34 -23.86 11.09
CA GLY A 223 8.88 -22.54 10.90
C GLY A 223 8.06 -21.75 9.95
N LEU A 224 8.39 -20.45 9.88
CA LEU A 224 7.65 -19.55 9.04
C LEU A 224 8.12 -19.59 7.59
N LEU A 225 7.18 -19.35 6.69
CA LEU A 225 7.46 -19.25 5.27
C LEU A 225 7.25 -17.81 4.88
N LEU A 226 8.26 -17.20 4.24
CA LEU A 226 8.26 -15.79 3.84
C LEU A 226 8.62 -15.63 2.39
N PRO A 227 8.03 -14.68 1.68
CA PRO A 227 8.20 -14.62 0.22
C PRO A 227 9.40 -13.81 -0.20
N VAL A 228 10.17 -14.26 -1.20
CA VAL A 228 11.26 -13.47 -1.77
C VAL A 228 10.88 -12.89 -3.13
N ASP A 229 10.13 -13.65 -3.93
CA ASP A 229 9.62 -13.13 -5.19
C ASP A 229 9.04 -11.74 -4.98
N SER A 230 9.30 -10.91 -5.98
CA SER A 230 8.89 -9.51 -5.97
C SER A 230 7.38 -9.34 -5.83
N GLU A 231 6.62 -10.09 -6.62
CA GLU A 231 5.16 -9.91 -6.59
C GLU A 231 4.55 -10.39 -5.27
N HIS A 232 4.98 -11.55 -4.78
CA HIS A 232 4.43 -12.08 -3.54
C HIS A 232 4.89 -11.24 -2.38
N SER A 233 6.13 -10.74 -2.42
CA SER A 233 6.56 -9.79 -1.38
C SER A 233 5.67 -8.54 -1.36
N ALA A 234 5.44 -7.92 -2.53
CA ALA A 234 4.58 -6.74 -2.56
C ALA A 234 3.22 -7.06 -1.92
N ILE A 235 2.55 -8.11 -2.40
CA ILE A 235 1.29 -8.50 -1.79
C ILE A 235 1.46 -8.73 -0.30
N PHE A 236 2.49 -9.48 0.09
CA PHE A 236 2.65 -9.73 1.52
C PHE A 236 2.87 -8.43 2.29
N GLN A 237 3.66 -7.49 1.76
CA GLN A 237 3.81 -6.23 2.47
C GLN A 237 2.48 -5.47 2.50
N ALA A 238 1.79 -5.40 1.36
CA ALA A 238 0.51 -4.71 1.35
C ALA A 238 -0.46 -5.36 2.32
N LEU A 239 -0.38 -6.68 2.51
CA LEU A 239 -1.28 -7.33 3.45
C LEU A 239 -0.93 -7.08 4.91
N GLN A 240 0.20 -6.41 5.21
CA GLN A 240 0.55 -6.22 6.61
C GLN A 240 -0.46 -5.26 7.19
N GLY A 241 -1.01 -5.62 8.31
CA GLY A 241 -2.05 -4.78 8.88
C GLY A 241 -3.47 -5.02 8.43
N VAL A 242 -3.69 -5.69 7.30
CA VAL A 242 -5.04 -6.08 6.90
C VAL A 242 -5.53 -7.11 7.92
N PRO A 243 -6.60 -6.83 8.66
CA PRO A 243 -7.08 -7.79 9.68
C PRO A 243 -7.74 -9.00 9.05
N ALA A 244 -7.95 -10.00 9.90
CA ALA A 244 -8.50 -11.25 9.42
C ALA A 244 -9.86 -11.06 8.82
N SER A 245 -10.62 -10.12 9.37
CA SER A 245 -11.94 -9.80 8.87
C SER A 245 -11.91 -9.36 7.42
N CYS A 246 -10.78 -8.82 6.93
CA CYS A 246 -10.71 -8.36 5.54
C CYS A 246 -9.95 -9.32 4.65
N TYR A 247 -9.62 -10.52 5.17
CA TYR A 247 -8.87 -11.57 4.51
C TYR A 247 -9.73 -12.81 4.34
N PRO A 248 -9.78 -13.42 3.15
CA PRO A 248 -8.90 -13.08 2.01
C PRO A 248 -9.33 -11.77 1.31
N PRO A 249 -8.43 -11.22 0.52
CA PRO A 249 -8.75 -10.00 -0.23
C PRO A 249 -9.70 -10.30 -1.34
N ARG A 250 -10.33 -9.24 -1.83
CA ARG A 250 -11.24 -9.39 -2.95
C ARG A 250 -10.51 -9.76 -4.23
N LYS A 251 -9.43 -9.08 -4.53
CA LYS A 251 -8.70 -9.28 -5.76
C LYS A 251 -7.20 -9.14 -5.49
N LEU A 252 -6.41 -9.99 -6.13
CA LEU A 252 -4.96 -9.98 -6.09
C LEU A 252 -4.47 -9.56 -7.47
N LEU A 253 -3.77 -8.43 -7.54
CA LEU A 253 -3.36 -7.88 -8.82
C LEU A 253 -1.87 -8.11 -8.98
N LEU A 254 -1.51 -9.00 -9.90
CA LEU A 254 -0.12 -9.28 -10.15
C LEU A 254 0.26 -8.54 -11.41
N THR A 255 1.34 -7.80 -11.31
CA THR A 255 1.82 -6.92 -12.33
C THR A 255 2.91 -7.68 -13.06
N ALA A 256 2.92 -7.59 -14.39
CA ALA A 256 3.90 -8.22 -15.23
C ALA A 256 4.51 -7.17 -16.14
N SER A 257 5.83 -7.16 -16.24
CA SER A 257 6.42 -6.23 -17.20
C SER A 257 5.91 -6.51 -18.60
N GLY A 258 5.53 -7.75 -18.88
CA GLY A 258 5.25 -8.13 -20.23
C GLY A 258 6.43 -8.65 -21.00
N GLY A 259 7.66 -8.46 -20.50
CA GLY A 259 8.82 -9.04 -21.14
C GLY A 259 9.21 -8.32 -22.40
N PRO A 260 10.27 -8.79 -23.05
CA PRO A 260 10.82 -8.04 -24.21
C PRO A 260 9.98 -8.12 -25.47
N PHE A 261 9.04 -9.04 -25.60
CA PHE A 261 8.27 -9.17 -26.83
C PHE A 261 6.84 -8.64 -26.67
N ARG A 262 6.69 -7.63 -25.84
CA ARG A 262 5.38 -7.02 -25.69
C ARG A 262 4.97 -6.31 -26.98
N GLY A 263 3.72 -6.52 -27.38
CA GLY A 263 3.23 -5.95 -28.62
C GLY A 263 3.84 -6.51 -29.89
N ARG A 264 4.21 -7.78 -29.89
CA ARG A 264 4.70 -8.43 -31.11
C ARG A 264 3.66 -9.48 -31.43
N THR A 265 3.52 -9.78 -32.72
CA THR A 265 2.58 -10.80 -33.16
C THR A 265 3.15 -12.20 -32.93
N ARG A 266 2.27 -13.21 -32.98
CA ARG A 266 2.77 -14.58 -32.81
C ARG A 266 3.74 -14.93 -33.93
N ASP A 267 3.52 -14.43 -35.15
CA ASP A 267 4.45 -14.70 -36.24
C ASP A 267 5.75 -13.90 -36.11
N GLU A 268 5.74 -12.76 -35.41
CA GLU A 268 7.00 -12.07 -35.12
C GLU A 268 7.86 -12.87 -34.14
N LEU A 269 7.22 -13.72 -33.34
CA LEU A 269 7.89 -14.56 -32.36
C LEU A 269 8.53 -15.79 -32.98
N GLU A 270 8.26 -16.09 -34.24
CA GLU A 270 8.95 -17.20 -34.88
C GLU A 270 10.43 -16.88 -35.06
N GLN A 271 10.74 -15.64 -35.43
CA GLN A 271 12.11 -15.23 -35.64
C GLN A 271 12.79 -14.76 -34.36
N VAL A 272 12.61 -15.39 -33.20
CA VAL A 272 13.21 -14.82 -32.00
C VAL A 272 14.35 -15.73 -31.57
N THR A 273 15.45 -15.10 -31.21
CA THR A 273 16.69 -15.74 -30.83
C THR A 273 16.69 -15.91 -29.32
N LEU A 274 17.46 -16.90 -28.83
CA LEU A 274 17.73 -16.94 -27.40
C LEU A 274 18.26 -15.61 -26.91
N GLU A 275 19.22 -15.04 -27.65
CA GLU A 275 19.76 -13.72 -27.32
C GLU A 275 18.68 -12.72 -26.92
N SER A 276 17.72 -12.46 -27.80
CA SER A 276 16.72 -11.43 -27.55
C SER A 276 15.87 -11.78 -26.33
N ALA A 277 15.54 -13.06 -26.18
CA ALA A 277 14.75 -13.49 -25.04
C ALA A 277 15.44 -13.21 -23.71
N LEU A 278 16.78 -13.27 -23.67
CA LEU A 278 17.56 -13.06 -22.45
C LEU A 278 17.87 -11.59 -22.12
N LYS A 279 17.46 -10.64 -22.94
CA LYS A 279 17.61 -9.23 -22.62
C LYS A 279 16.27 -8.78 -22.04
N HIS A 280 16.20 -8.64 -20.69
CA HIS A 280 14.94 -8.28 -20.01
C HIS A 280 14.90 -6.76 -19.80
N PRO A 281 13.77 -6.10 -20.08
CA PRO A 281 13.78 -4.61 -19.96
C PRO A 281 14.02 -4.09 -18.54
N LYS A 282 13.25 -4.56 -17.54
CA LYS A 282 13.32 -3.96 -16.21
C LYS A 282 14.18 -4.74 -15.21
N TRP A 283 14.24 -6.07 -15.30
CA TRP A 283 14.91 -6.86 -14.28
C TRP A 283 16.13 -7.61 -14.83
N SER A 284 17.21 -7.64 -14.04
CA SER A 284 18.40 -8.43 -14.36
C SER A 284 18.42 -9.67 -13.45
N MET A 285 18.22 -10.85 -14.03
CA MET A 285 18.00 -12.04 -13.23
C MET A 285 18.65 -13.26 -13.88
N GLY A 286 18.29 -14.43 -13.39
CA GLY A 286 18.75 -15.68 -13.97
C GLY A 286 18.18 -15.88 -15.36
N ALA A 287 18.59 -16.98 -15.99
CA ALA A 287 18.19 -17.27 -17.36
C ALA A 287 16.78 -17.83 -17.44
N LYS A 288 16.47 -18.83 -16.63
CA LYS A 288 15.15 -19.45 -16.70
C LYS A 288 14.06 -18.42 -16.46
N ILE A 289 14.21 -17.60 -15.42
CA ILE A 289 13.18 -16.61 -15.08
C ILE A 289 13.09 -15.54 -16.16
N THR A 290 14.23 -15.16 -16.75
CA THR A 290 14.20 -14.12 -17.78
C THR A 290 13.45 -14.60 -19.02
N ILE A 291 13.64 -15.89 -19.37
CA ILE A 291 12.96 -16.49 -20.51
C ILE A 291 11.46 -16.65 -20.21
N ASP A 292 11.14 -17.02 -18.97
CA ASP A 292 9.75 -17.14 -18.58
C ASP A 292 9.01 -15.80 -18.59
N SER A 293 9.71 -14.67 -18.35
CA SER A 293 9.05 -13.38 -18.49
C SER A 293 8.79 -13.03 -19.95
N ALA A 294 9.61 -13.52 -20.87
CA ALA A 294 9.31 -13.32 -22.27
C ALA A 294 8.11 -14.14 -22.75
N THR A 295 7.94 -15.36 -22.23
CA THR A 295 6.75 -16.16 -22.54
C THR A 295 5.55 -15.77 -21.69
N LEU A 296 5.76 -15.07 -20.58
CA LEU A 296 4.78 -14.81 -19.53
C LEU A 296 4.37 -16.09 -18.79
N MET A 297 5.16 -17.13 -18.91
CA MET A 297 4.98 -18.25 -18.01
C MET A 297 5.49 -17.90 -16.63
N ASN A 298 6.34 -16.87 -16.49
CA ASN A 298 6.70 -16.44 -15.16
C ASN A 298 5.49 -15.98 -14.37
N LYS A 299 4.61 -15.19 -15.01
CA LYS A 299 3.38 -14.75 -14.32
C LYS A 299 2.41 -15.89 -14.15
N GLY A 300 2.28 -16.73 -15.18
CA GLY A 300 1.50 -17.94 -15.03
C GLY A 300 1.90 -18.72 -13.79
N LEU A 301 3.20 -18.92 -13.57
CA LEU A 301 3.62 -19.63 -12.37
C LEU A 301 3.31 -18.85 -11.11
N GLU A 302 3.38 -17.53 -11.17
CA GLU A 302 3.10 -16.78 -9.96
C GLU A 302 1.62 -16.80 -9.63
N VAL A 303 0.74 -16.90 -10.66
CA VAL A 303 -0.69 -17.04 -10.40
C VAL A 303 -0.98 -18.31 -9.60
N ILE A 304 -0.37 -19.43 -9.97
CA ILE A 304 -0.60 -20.65 -9.22
C ILE A 304 0.05 -20.56 -7.84
N GLU A 305 1.26 -20.00 -7.77
CA GLU A 305 1.91 -19.81 -6.48
C GLU A 305 1.01 -18.99 -5.56
N ALA A 306 0.42 -17.91 -6.09
CA ALA A 306 -0.42 -17.02 -5.26
C ALA A 306 -1.63 -17.75 -4.69
N HIS A 307 -2.34 -18.50 -5.55
CA HIS A 307 -3.46 -19.34 -5.10
C HIS A 307 -3.10 -20.13 -3.86
N PHE A 308 -1.96 -20.87 -3.89
CA PHE A 308 -1.57 -21.67 -2.72
C PHE A 308 -1.01 -20.81 -1.58
N ALA A 309 -0.29 -19.72 -1.91
CA ALA A 309 0.35 -18.91 -0.88
C ALA A 309 -0.65 -18.04 -0.10
N PHE A 310 -1.61 -17.40 -0.80
CA PHE A 310 -2.58 -16.49 -0.19
C PHE A 310 -3.98 -17.10 -0.05
N GLY A 311 -4.20 -18.29 -0.58
CA GLY A 311 -5.50 -18.90 -0.47
C GLY A 311 -6.61 -18.15 -1.18
N CYS A 312 -6.35 -17.73 -2.39
CA CYS A 312 -7.31 -17.02 -3.19
C CYS A 312 -7.75 -17.83 -4.39
N PRO A 313 -9.02 -17.80 -4.72
CA PRO A 313 -9.50 -18.50 -5.92
C PRO A 313 -8.84 -17.93 -7.15
N TYR A 314 -8.71 -18.77 -8.19
CA TYR A 314 -8.11 -18.27 -9.42
C TYR A 314 -8.92 -17.16 -10.05
N SER A 315 -10.24 -17.12 -9.82
CA SER A 315 -11.02 -16.00 -10.33
C SER A 315 -10.59 -14.68 -9.67
N SER A 316 -10.17 -14.68 -8.39
CA SER A 316 -9.76 -13.44 -7.76
C SER A 316 -8.38 -12.97 -8.24
N ILE A 317 -7.66 -13.74 -9.05
CA ILE A 317 -6.28 -13.40 -9.38
C ILE A 317 -6.19 -12.83 -10.79
N GLU A 318 -5.79 -11.57 -10.87
CA GLU A 318 -5.66 -10.82 -12.12
C GLU A 318 -4.19 -10.47 -12.39
N VAL A 319 -3.89 -10.38 -13.67
CA VAL A 319 -2.56 -10.14 -14.17
C VAL A 319 -2.64 -8.91 -15.05
N LEU A 320 -1.91 -7.86 -14.69
CA LEU A 320 -1.89 -6.62 -15.46
C LEU A 320 -0.50 -6.44 -16.01
N VAL A 321 -0.40 -6.04 -17.27
CA VAL A 321 0.90 -5.72 -17.85
C VAL A 321 1.23 -4.27 -17.51
N HIS A 322 2.27 -4.12 -16.70
CA HIS A 322 2.73 -2.82 -16.23
C HIS A 322 4.21 -2.74 -16.61
N PRO A 323 4.52 -2.28 -17.84
CA PRO A 323 5.93 -2.26 -18.32
C PRO A 323 6.91 -1.49 -17.43
N GLN A 324 6.46 -0.45 -16.75
CA GLN A 324 7.42 0.33 -16.00
C GLN A 324 7.86 -0.41 -14.74
N ALA A 325 7.12 -1.44 -14.35
CA ALA A 325 7.54 -2.27 -13.24
C ALA A 325 7.69 -1.45 -11.98
N VAL A 326 6.99 -0.31 -11.91
CA VAL A 326 7.03 0.49 -10.71
C VAL A 326 6.13 -0.10 -9.64
N ILE A 327 4.92 -0.54 -10.00
CA ILE A 327 4.00 -1.15 -9.04
C ILE A 327 4.32 -2.64 -9.05
N HIS A 328 4.79 -3.15 -7.91
CA HIS A 328 5.24 -4.54 -7.82
C HIS A 328 4.09 -5.52 -7.62
N SER A 329 2.96 -5.07 -7.12
CA SER A 329 1.75 -5.90 -7.13
C SER A 329 0.80 -5.30 -6.12
N ALA A 330 -0.45 -5.76 -6.07
CA ALA A 330 -1.43 -5.07 -5.25
C ALA A 330 -2.57 -5.98 -4.81
N VAL A 331 -3.31 -5.53 -3.78
CA VAL A 331 -4.49 -6.22 -3.30
C VAL A 331 -5.64 -5.26 -3.24
N GLU A 332 -6.80 -5.74 -3.64
CA GLU A 332 -8.04 -5.00 -3.49
C GLU A 332 -8.79 -5.57 -2.31
N LEU A 333 -9.33 -4.69 -1.44
CA LEU A 333 -10.01 -5.15 -0.23
C LEU A 333 -11.52 -4.98 -0.36
N ARG A 334 -12.24 -5.50 0.62
CA ARG A 334 -13.70 -5.56 0.58
C ARG A 334 -14.36 -4.21 0.29
N ASP A 335 -13.83 -3.15 0.81
CA ASP A 335 -14.38 -1.82 0.66
C ASP A 335 -13.98 -1.16 -0.65
N GLY A 336 -13.21 -1.85 -1.49
CA GLY A 336 -12.72 -1.25 -2.71
C GLY A 336 -11.43 -0.48 -2.58
N ALA A 337 -10.76 -0.55 -1.45
CA ALA A 337 -9.42 0.03 -1.33
C ALA A 337 -8.39 -0.95 -1.92
N THR A 338 -7.51 -0.41 -2.73
CA THR A 338 -6.38 -1.18 -3.27
C THR A 338 -5.10 -0.74 -2.57
N LEU A 339 -4.36 -1.69 -2.04
CA LEU A 339 -3.06 -1.46 -1.42
C LEU A 339 -1.98 -1.97 -2.36
N ALA A 340 -1.04 -1.08 -2.72
CA ALA A 340 0.03 -1.45 -3.64
C ALA A 340 1.41 -1.12 -3.06
N GLN A 341 2.37 -1.96 -3.37
CA GLN A 341 3.73 -1.72 -2.93
C GLN A 341 4.56 -1.32 -4.16
N LEU A 342 5.27 -0.20 -4.04
CA LEU A 342 6.00 0.39 -5.15
C LEU A 342 7.49 0.36 -4.86
N GLY A 343 8.30 0.28 -5.92
CA GLY A 343 9.73 0.31 -5.73
C GLY A 343 10.49 0.24 -7.04
N LEU A 344 11.79 0.31 -6.90
CA LEU A 344 12.68 0.07 -8.02
C LEU A 344 12.92 -1.41 -8.11
N PRO A 345 13.32 -1.89 -9.26
CA PRO A 345 13.47 -3.33 -9.51
C PRO A 345 14.79 -3.82 -8.96
N ASP A 346 14.89 -3.98 -7.64
CA ASP A 346 16.09 -4.49 -6.97
C ASP A 346 15.65 -5.54 -5.96
N MET A 347 16.21 -6.77 -6.06
CA MET A 347 15.73 -7.86 -5.23
C MET A 347 16.27 -7.82 -3.81
N LYS A 348 17.14 -6.87 -3.47
CA LYS A 348 17.61 -6.77 -2.10
C LYS A 348 16.54 -6.24 -1.16
N LEU A 349 15.56 -5.49 -1.65
CA LEU A 349 14.46 -5.10 -0.77
C LEU A 349 13.68 -6.31 -0.33
N PRO A 350 13.05 -7.06 -1.23
CA PRO A 350 12.29 -8.24 -0.81
C PRO A 350 13.11 -9.31 -0.13
N ILE A 351 14.31 -9.63 -0.62
CA ILE A 351 15.16 -10.61 0.07
C ILE A 351 15.40 -10.14 1.51
N ALA A 352 15.76 -8.88 1.68
CA ALA A 352 16.03 -8.42 3.03
C ALA A 352 14.77 -8.50 3.87
N TYR A 353 13.60 -8.14 3.32
CA TYR A 353 12.36 -8.18 4.12
C TYR A 353 12.02 -9.59 4.57
N ALA A 354 12.33 -10.58 3.74
CA ALA A 354 12.11 -11.94 4.18
C ALA A 354 12.99 -12.28 5.35
N LEU A 355 14.16 -11.65 5.45
CA LEU A 355 15.06 -11.99 6.54
C LEU A 355 14.81 -11.16 7.76
N THR A 356 14.24 -9.96 7.59
CA THR A 356 14.08 -9.08 8.73
C THR A 356 12.63 -8.97 9.19
N TRP A 357 11.72 -9.66 8.53
CA TRP A 357 10.30 -9.39 8.75
C TRP A 357 9.98 -9.52 10.23
N PRO A 358 9.30 -8.53 10.85
CA PRO A 358 8.64 -7.36 10.23
C PRO A 358 9.44 -6.08 10.14
N HIS A 359 10.69 -6.11 10.57
CA HIS A 359 11.51 -4.92 10.49
C HIS A 359 11.98 -4.76 9.06
N ARG A 360 12.35 -3.54 8.70
CA ARG A 360 12.84 -3.21 7.38
C ARG A 360 14.21 -2.58 7.55
N LEU A 361 15.22 -3.10 6.86
CA LEU A 361 16.58 -2.60 6.98
C LEU A 361 16.81 -1.37 6.11
N ALA A 362 17.59 -0.40 6.63
CA ALA A 362 17.95 0.80 5.90
C ALA A 362 19.36 0.61 5.37
N ALA A 363 19.49 0.59 4.05
CA ALA A 363 20.73 0.21 3.39
C ALA A 363 21.21 1.32 2.47
N PRO A 364 22.49 1.31 2.09
CA PRO A 364 22.98 2.35 1.16
C PRO A 364 22.25 2.32 -0.16
N TRP A 365 21.90 1.12 -0.65
CA TRP A 365 21.16 0.94 -1.89
C TRP A 365 19.63 1.17 -1.72
N SER A 366 19.15 1.63 -0.56
CA SER A 366 17.72 1.70 -0.26
C SER A 366 17.09 2.96 -0.84
N ALA A 367 17.17 3.09 -2.15
CA ALA A 367 16.89 4.38 -2.78
C ALA A 367 15.42 4.83 -2.75
N GLY A 368 14.52 4.11 -3.39
CA GLY A 368 13.16 4.62 -3.46
C GLY A 368 12.84 5.27 -4.79
N VAL A 369 11.58 5.11 -5.23
CA VAL A 369 11.15 5.51 -6.57
C VAL A 369 10.65 6.94 -6.53
N ASP A 370 10.97 7.70 -7.58
CA ASP A 370 10.52 9.08 -7.69
C ASP A 370 9.56 9.08 -8.85
N LEU A 371 8.26 9.20 -8.57
CA LEU A 371 7.30 9.02 -9.64
C LEU A 371 7.31 10.15 -10.64
N THR A 372 7.71 11.34 -10.21
CA THR A 372 7.79 12.51 -11.09
C THR A 372 8.83 12.27 -12.16
N ARG A 373 9.90 11.66 -11.74
CA ARG A 373 11.00 11.39 -12.62
C ARG A 373 10.73 10.16 -13.45
N GLU A 374 9.97 9.22 -12.90
CA GLU A 374 9.72 7.96 -13.57
C GLU A 374 8.90 8.14 -14.83
N GLY A 375 8.09 9.17 -14.91
CA GLY A 375 7.28 9.40 -16.08
C GLY A 375 5.83 9.03 -15.85
N ASN A 376 5.28 8.13 -16.67
CA ASN A 376 3.89 7.72 -16.50
C ASN A 376 3.74 6.20 -16.48
N LEU A 377 2.75 5.74 -15.74
CA LEU A 377 2.54 4.35 -15.43
C LEU A 377 1.36 3.82 -16.22
N THR A 378 1.59 2.74 -16.93
CA THR A 378 0.67 2.13 -17.87
C THR A 378 0.23 0.78 -17.33
N PHE A 379 -1.05 0.45 -17.54
CA PHE A 379 -1.63 -0.81 -17.10
C PHE A 379 -2.53 -1.35 -18.19
N GLU A 380 -2.33 -2.60 -18.55
CA GLU A 380 -3.02 -3.17 -19.69
C GLU A 380 -3.27 -4.64 -19.46
N LYS A 381 -4.25 -5.16 -20.16
CA LYS A 381 -4.47 -6.59 -20.05
C LYS A 381 -3.45 -7.35 -20.91
N PRO A 382 -3.05 -8.54 -20.44
CA PRO A 382 -2.15 -9.34 -21.29
C PRO A 382 -2.87 -9.86 -22.51
N ASP A 383 -2.07 -10.10 -23.56
CA ASP A 383 -2.59 -10.61 -24.83
C ASP A 383 -2.49 -12.14 -24.77
N LEU A 384 -3.62 -12.79 -24.43
CA LEU A 384 -3.62 -14.22 -24.15
C LEU A 384 -3.57 -15.06 -25.41
N ASN A 385 -3.88 -14.49 -26.58
CA ASN A 385 -3.69 -15.24 -27.81
C ASN A 385 -2.22 -15.40 -28.12
N THR A 386 -1.46 -14.29 -28.22
CA THR A 386 -0.05 -14.42 -28.54
C THR A 386 0.69 -15.24 -27.50
N PHE A 387 0.52 -14.93 -26.22
CA PHE A 387 1.32 -15.56 -25.17
C PHE A 387 0.46 -16.59 -24.44
N GLY A 388 0.40 -17.80 -25.01
CA GLY A 388 -0.47 -18.83 -24.48
C GLY A 388 -0.02 -19.46 -23.18
N CYS A 389 1.22 -19.22 -22.77
CA CYS A 389 1.68 -19.81 -21.51
C CYS A 389 0.79 -19.36 -20.34
N LEU A 390 0.35 -18.11 -20.35
CA LEU A 390 -0.52 -17.62 -19.26
C LEU A 390 -1.84 -18.38 -19.20
N GLY A 391 -2.49 -18.58 -20.34
CA GLY A 391 -3.66 -19.46 -20.33
C GLY A 391 -3.32 -20.85 -19.81
N LEU A 392 -2.17 -21.40 -20.22
CA LEU A 392 -1.84 -22.75 -19.75
C LEU A 392 -1.74 -22.81 -18.23
N ALA A 393 -1.19 -21.77 -17.60
CA ALA A 393 -1.13 -21.82 -16.14
C ALA A 393 -2.52 -21.78 -15.52
N TYR A 394 -3.41 -20.91 -16.04
CA TYR A 394 -4.75 -20.81 -15.47
C TYR A 394 -5.50 -22.14 -15.61
N GLU A 395 -5.41 -22.76 -16.80
CA GLU A 395 -6.04 -24.06 -17.01
C GLU A 395 -5.48 -25.08 -16.03
N ALA A 396 -4.17 -25.12 -15.91
CA ALA A 396 -3.55 -26.08 -15.01
C ALA A 396 -4.00 -25.86 -13.58
N GLY A 397 -4.06 -24.61 -13.14
CA GLY A 397 -4.45 -24.35 -11.77
C GLY A 397 -5.88 -24.77 -11.50
N GLU A 398 -6.77 -24.55 -12.47
CA GLU A 398 -8.17 -24.90 -12.24
C GLU A 398 -8.36 -26.38 -12.24
N ARG A 399 -7.62 -27.10 -13.10
CA ARG A 399 -7.62 -28.57 -13.07
C ARG A 399 -7.12 -29.09 -11.72
N GLY A 400 -6.04 -28.51 -11.19
CA GLY A 400 -5.57 -28.95 -9.89
C GLY A 400 -4.79 -30.26 -9.95
N GLY A 401 -4.76 -30.95 -8.81
CA GLY A 401 -4.04 -32.19 -8.69
C GLY A 401 -2.57 -32.03 -8.98
N VAL A 402 -2.05 -32.81 -9.93
CA VAL A 402 -0.66 -32.75 -10.37
C VAL A 402 -0.53 -32.01 -11.70
N ALA A 403 -1.60 -31.42 -12.20
CA ALA A 403 -1.47 -30.60 -13.40
C ALA A 403 -0.47 -29.46 -13.20
N PRO A 404 -0.52 -28.69 -12.11
CA PRO A 404 0.53 -27.65 -11.91
C PRO A 404 1.92 -28.25 -12.06
N ALA A 405 2.23 -29.33 -11.34
CA ALA A 405 3.54 -30.00 -11.44
C ALA A 405 3.93 -30.35 -12.87
N CYS A 406 3.00 -30.88 -13.65
CA CYS A 406 3.39 -31.26 -15.00
C CYS A 406 3.70 -30.04 -15.83
N LEU A 407 2.93 -28.98 -15.64
CA LEU A 407 3.18 -27.73 -16.34
C LEU A 407 4.58 -27.18 -16.04
N ASN A 408 4.94 -27.15 -14.75
CA ASN A 408 6.25 -26.65 -14.36
C ASN A 408 7.36 -27.47 -14.99
N ALA A 409 7.28 -28.80 -14.84
CA ALA A 409 8.33 -29.67 -15.39
C ALA A 409 8.43 -29.54 -16.91
N ALA A 410 7.30 -29.55 -17.59
CA ALA A 410 7.33 -29.42 -19.04
C ALA A 410 8.02 -28.13 -19.44
N ASN A 411 7.75 -27.04 -18.69
CA ASN A 411 8.34 -25.72 -18.94
C ASN A 411 9.83 -25.73 -18.63
N GLU A 412 10.23 -26.28 -17.48
CA GLU A 412 11.66 -26.39 -17.20
C GLU A 412 12.42 -27.01 -18.38
N VAL A 413 11.94 -28.18 -18.84
CA VAL A 413 12.53 -28.90 -19.97
C VAL A 413 12.50 -28.05 -21.23
N ALA A 414 11.38 -27.42 -21.53
CA ALA A 414 11.34 -26.64 -22.77
C ALA A 414 12.30 -25.46 -22.69
N VAL A 415 12.43 -24.86 -21.49
CA VAL A 415 13.34 -23.74 -21.34
C VAL A 415 14.77 -24.21 -21.53
N GLU A 416 15.10 -25.39 -21.00
CA GLU A 416 16.47 -25.89 -21.21
C GLU A 416 16.72 -26.20 -22.68
N ARG A 417 15.80 -26.88 -23.33
CA ARG A 417 15.95 -27.15 -24.74
C ARG A 417 16.01 -25.86 -25.54
N PHE A 418 15.23 -24.83 -25.15
CA PHE A 418 15.35 -23.54 -25.83
C PHE A 418 16.74 -22.92 -25.64
N ARG A 419 17.33 -23.07 -24.44
CA ARG A 419 18.66 -22.55 -24.13
C ARG A 419 19.80 -23.38 -24.72
N ASN A 420 19.57 -24.64 -25.07
CA ASN A 420 20.54 -25.44 -25.79
C ASN A 420 20.24 -25.46 -27.28
N LYS A 421 19.43 -24.53 -27.75
CA LYS A 421 19.21 -24.34 -29.17
C LYS A 421 18.65 -25.58 -29.87
N GLU A 422 18.14 -26.57 -29.10
CA GLU A 422 17.46 -27.72 -29.70
C GLU A 422 16.09 -27.33 -30.28
N ILE A 423 15.34 -26.47 -29.57
CA ILE A 423 13.99 -26.04 -29.99
C ILE A 423 13.94 -24.52 -29.90
N GLY A 424 12.91 -23.96 -30.56
CA GLY A 424 12.72 -22.53 -30.60
C GLY A 424 11.74 -22.00 -29.56
N PHE A 425 11.56 -20.69 -29.60
CA PHE A 425 10.75 -20.01 -28.60
C PHE A 425 9.30 -20.46 -28.65
N VAL A 426 8.65 -20.28 -29.81
CA VAL A 426 7.24 -20.62 -29.93
C VAL A 426 7.00 -22.07 -29.55
N ASP A 427 8.03 -22.89 -29.58
CA ASP A 427 7.87 -24.29 -29.25
C ASP A 427 7.84 -24.52 -27.75
N ILE A 428 8.19 -23.52 -26.94
CA ILE A 428 8.06 -23.65 -25.49
C ILE A 428 6.59 -23.82 -25.09
N GLU A 429 5.71 -22.96 -25.61
CA GLU A 429 4.29 -23.08 -25.33
C GLU A 429 3.74 -24.40 -25.86
N ASP A 430 4.08 -24.72 -27.11
CA ASP A 430 3.59 -25.96 -27.70
C ASP A 430 4.13 -27.19 -26.96
N THR A 431 5.34 -27.11 -26.42
CA THR A 431 5.82 -28.19 -25.56
C THR A 431 4.95 -28.38 -24.32
N VAL A 432 4.64 -27.28 -23.61
CA VAL A 432 3.82 -27.36 -22.39
C VAL A 432 2.39 -27.77 -22.73
N ARG A 433 1.85 -27.27 -23.84
CA ARG A 433 0.50 -27.69 -24.22
C ARG A 433 0.46 -29.19 -24.49
N HIS A 434 1.43 -29.67 -25.28
CA HIS A 434 1.51 -31.08 -25.60
C HIS A 434 1.49 -31.95 -24.33
N VAL A 435 2.32 -31.63 -23.35
CA VAL A 435 2.39 -32.46 -22.15
C VAL A 435 1.04 -32.49 -21.42
N MET A 436 0.37 -31.35 -21.37
CA MET A 436 -0.80 -31.32 -20.51
C MET A 436 -2.02 -31.83 -21.19
N ALA A 437 -2.05 -31.74 -22.50
CA ALA A 437 -3.04 -32.50 -23.22
C ALA A 437 -2.95 -33.99 -22.87
N LEU A 438 -1.74 -34.57 -22.84
CA LEU A 438 -1.62 -35.98 -22.49
C LEU A 438 -1.97 -36.24 -21.03
N GLN A 439 -1.64 -35.35 -20.12
CA GLN A 439 -1.91 -35.66 -18.72
C GLN A 439 -3.41 -35.63 -18.47
N GLU A 440 -4.14 -34.85 -19.27
CA GLU A 440 -5.60 -34.89 -19.23
C GLU A 440 -6.11 -36.25 -19.69
N ARG A 441 -5.52 -36.78 -20.77
CA ARG A 441 -5.96 -38.05 -21.34
C ARG A 441 -5.67 -39.22 -20.41
N GLU A 442 -4.53 -39.20 -19.73
CA GLU A 442 -4.23 -40.17 -18.69
C GLU A 442 -5.17 -39.92 -17.52
N ARG A 443 -5.01 -40.66 -16.42
CA ARG A 443 -6.00 -40.58 -15.37
C ARG A 443 -6.06 -39.21 -14.69
N ASP A 444 -7.30 -38.82 -14.33
CA ASP A 444 -7.64 -37.60 -13.59
C ASP A 444 -8.14 -37.84 -12.18
N ASN A 445 -7.61 -38.78 -11.43
CA ASN A 445 -8.27 -38.98 -10.15
C ASN A 445 -7.91 -37.88 -9.15
N PHE A 446 -6.71 -37.29 -9.25
CA PHE A 446 -6.31 -36.17 -8.39
C PHE A 446 -6.70 -36.49 -6.94
N SER A 447 -7.74 -35.83 -6.39
CA SER A 447 -8.11 -36.02 -4.99
C SER A 447 -6.96 -35.58 -4.08
N ASP A 448 -6.28 -36.50 -3.40
CA ASP A 448 -5.19 -36.08 -2.53
C ASP A 448 -3.87 -36.12 -3.29
N VAL A 449 -2.99 -35.19 -2.94
CA VAL A 449 -1.76 -34.90 -3.67
C VAL A 449 -0.63 -35.33 -2.74
N SER A 450 -0.14 -36.55 -2.93
CA SER A 450 0.93 -36.97 -2.06
C SER A 450 2.22 -36.37 -2.60
N LEU A 451 3.19 -36.15 -1.71
CA LEU A 451 4.47 -35.66 -2.20
C LEU A 451 5.04 -36.59 -3.27
N GLN A 452 4.96 -37.91 -3.03
CA GLN A 452 5.44 -38.84 -4.04
C GLN A 452 4.63 -38.74 -5.33
N ASP A 453 3.33 -38.41 -5.23
CA ASP A 453 2.53 -38.22 -6.44
C ASP A 453 3.06 -37.07 -7.27
N VAL A 454 3.47 -35.99 -6.59
CA VAL A 454 4.15 -34.88 -7.25
C VAL A 454 5.47 -35.33 -7.89
N PHE A 455 6.25 -36.16 -7.19
CA PHE A 455 7.50 -36.65 -7.75
C PHE A 455 7.25 -37.46 -9.02
N ASP A 456 6.29 -38.39 -8.96
CA ASP A 456 6.00 -39.24 -10.13
C ASP A 456 5.56 -38.40 -11.34
N ALA A 457 4.65 -37.44 -11.13
CA ALA A 457 4.22 -36.57 -12.23
C ALA A 457 5.37 -35.71 -12.76
N ASP A 458 6.12 -35.08 -11.85
CA ASP A 458 7.28 -34.32 -12.30
C ASP A 458 8.14 -35.17 -13.25
N HIS A 459 8.48 -36.40 -12.84
CA HIS A 459 9.31 -37.24 -13.71
C HIS A 459 8.61 -37.52 -15.03
N TRP A 460 7.37 -37.99 -14.97
CA TRP A 460 6.65 -38.33 -16.20
C TRP A 460 6.60 -37.16 -17.16
N ALA A 461 6.33 -35.98 -16.61
CA ALA A 461 6.20 -34.76 -17.40
C ALA A 461 7.52 -34.42 -18.06
N ARG A 462 8.63 -34.61 -17.33
CA ARG A 462 9.92 -34.32 -17.91
C ARG A 462 10.22 -35.24 -19.09
N THR A 463 9.92 -36.54 -18.97
CA THR A 463 10.18 -37.43 -20.10
C THR A 463 9.32 -37.03 -21.29
N ALA A 464 8.04 -36.73 -21.05
CA ALA A 464 7.17 -36.32 -22.16
C ALA A 464 7.63 -35.01 -22.79
N ALA A 465 8.09 -34.06 -21.96
CA ALA A 465 8.56 -32.77 -22.48
C ALA A 465 9.79 -32.94 -23.36
N ARG A 466 10.66 -33.92 -23.01
CA ARG A 466 11.88 -34.20 -23.78
C ARG A 466 11.55 -34.88 -25.10
N ALA A 467 10.57 -35.79 -25.06
CA ALA A 467 10.14 -36.53 -26.23
C ALA A 467 9.34 -35.69 -27.22
N PHE A 468 8.83 -34.55 -26.78
CA PHE A 468 8.08 -33.70 -27.69
C PHE A 468 8.97 -33.33 -28.86
N LYS A 469 8.46 -33.52 -30.06
CA LYS A 469 9.19 -33.16 -31.27
C LYS A 469 8.44 -32.03 -31.93
N PRO A 470 9.06 -30.85 -32.10
CA PRO A 470 8.30 -29.72 -32.65
C PRO A 470 7.75 -30.04 -34.03
N ARG A 471 6.56 -29.51 -34.30
CA ARG A 471 5.85 -29.81 -35.54
C ARG A 471 6.70 -29.51 -36.76
N LYS A 472 6.45 -30.27 -37.82
CA LYS A 472 7.24 -30.20 -39.05
C LYS A 472 6.32 -30.03 -40.27
N ARG B 25 -21.20 -2.82 19.86
CA ARG B 25 -21.13 -3.74 18.78
C ARG B 25 -21.70 -2.59 17.96
N VAL B 26 -22.74 -1.92 18.54
CA VAL B 26 -23.33 -0.70 17.96
C VAL B 26 -22.37 0.44 18.22
N LYS B 27 -22.21 1.30 17.25
CA LYS B 27 -21.44 2.51 17.36
C LYS B 27 -22.43 3.67 17.34
N ARG B 28 -22.55 4.37 18.47
CA ARG B 28 -23.41 5.53 18.55
C ARG B 28 -22.67 6.75 18.05
N LEU B 29 -23.26 7.45 17.09
CA LEU B 29 -22.58 8.59 16.46
C LEU B 29 -23.26 9.89 16.85
N VAL B 30 -22.47 10.97 16.90
CA VAL B 30 -22.97 12.34 16.86
C VAL B 30 -22.33 12.95 15.62
N VAL B 31 -23.13 13.39 14.66
CA VAL B 31 -22.61 13.91 13.41
C VAL B 31 -22.67 15.44 13.43
N LEU B 32 -21.52 16.10 13.40
CA LEU B 32 -21.48 17.53 13.23
C LEU B 32 -21.35 17.92 11.76
N GLY B 33 -22.21 18.81 11.29
CA GLY B 33 -22.29 19.10 9.87
C GLY B 33 -23.06 18.04 9.10
N SER B 34 -24.20 17.60 9.64
CA SER B 34 -24.97 16.52 9.04
C SER B 34 -25.56 16.90 7.69
N THR B 35 -25.73 18.20 7.44
CA THR B 35 -26.30 18.64 6.17
C THR B 35 -25.26 18.67 5.06
N GLY B 36 -24.00 18.60 5.41
CA GLY B 36 -22.95 18.73 4.42
C GLY B 36 -22.66 17.46 3.64
N SER B 37 -21.64 17.58 2.81
CA SER B 37 -21.15 16.43 2.08
C SER B 37 -20.79 15.29 3.03
N ILE B 38 -19.86 15.55 3.96
CA ILE B 38 -19.38 14.48 4.83
C ILE B 38 -20.52 13.93 5.67
N GLY B 39 -21.32 14.83 6.22
CA GLY B 39 -22.45 14.41 7.04
C GLY B 39 -23.42 13.57 6.24
N LYS B 40 -23.76 14.01 5.03
CA LYS B 40 -24.71 13.25 4.22
C LYS B 40 -24.14 11.87 3.86
N SER B 41 -22.85 11.78 3.49
CA SER B 41 -22.29 10.44 3.23
C SER B 41 -22.28 9.60 4.50
N THR B 42 -21.98 10.24 5.64
CA THR B 42 -22.00 9.52 6.90
C THR B 42 -23.36 8.88 7.14
N LEU B 43 -24.44 9.64 6.92
CA LEU B 43 -25.76 9.09 7.20
C LEU B 43 -26.16 8.03 6.18
N GLU B 44 -25.67 8.15 4.94
CA GLU B 44 -25.86 7.07 3.98
C GLU B 44 -25.24 5.75 4.49
N ILE B 45 -24.04 5.83 5.06
CA ILE B 45 -23.47 4.67 5.73
C ILE B 45 -24.38 4.22 6.86
N ALA B 46 -24.75 5.16 7.74
CA ALA B 46 -25.61 4.78 8.86
C ALA B 46 -26.90 4.18 8.33
N ARG B 47 -27.42 4.72 7.23
CA ARG B 47 -28.65 4.18 6.70
C ARG B 47 -28.44 2.75 6.22
N GLU B 48 -27.28 2.45 5.60
CA GLU B 48 -27.09 1.11 5.06
C GLU B 48 -26.77 0.08 6.14
N PHE B 49 -26.20 0.49 7.25
CA PHE B 49 -25.75 -0.44 8.29
C PHE B 49 -26.36 -0.06 9.62
N PRO B 50 -27.69 -0.11 9.70
CA PRO B 50 -28.41 0.37 10.88
C PRO B 50 -28.21 -0.48 12.10
N ASP B 51 -27.85 -1.75 11.90
CA ASP B 51 -27.48 -2.62 13.01
C ASP B 51 -26.19 -2.19 13.67
N ILE B 52 -25.30 -1.55 12.91
CA ILE B 52 -24.02 -1.10 13.43
C ILE B 52 -24.10 0.30 14.01
N PHE B 53 -24.81 1.21 13.36
CA PHE B 53 -24.72 2.62 13.68
C PHE B 53 -26.07 3.10 14.19
N GLN B 54 -26.06 3.79 15.32
CA GLN B 54 -27.22 4.45 15.87
C GLN B 54 -26.85 5.91 15.96
N ILE B 55 -27.73 6.80 15.51
CA ILE B 55 -27.43 8.22 15.46
C ILE B 55 -28.00 8.86 16.72
N VAL B 56 -27.13 9.32 17.62
CA VAL B 56 -27.64 9.98 18.81
C VAL B 56 -27.74 11.48 18.65
N GLY B 57 -26.93 12.09 17.80
CA GLY B 57 -26.95 13.54 17.69
C GLY B 57 -26.59 14.03 16.31
N LEU B 58 -27.22 15.12 15.91
CA LEU B 58 -26.98 15.77 14.63
C LEU B 58 -26.74 17.25 14.89
N ALA B 59 -26.00 17.91 14.01
CA ALA B 59 -25.78 19.35 14.11
C ALA B 59 -25.67 19.96 12.73
N ALA B 60 -26.27 21.15 12.55
CA ALA B 60 -26.24 21.84 11.27
C ALA B 60 -26.33 23.34 11.53
N GLY B 61 -26.12 24.13 10.46
CA GLY B 61 -26.18 25.58 10.57
C GLY B 61 -27.52 26.24 10.26
N GLY B 62 -28.48 25.54 9.69
CA GLY B 62 -29.79 26.09 9.41
C GLY B 62 -30.03 26.42 7.95
N SER B 63 -29.00 26.31 7.10
CA SER B 63 -29.15 26.60 5.68
C SER B 63 -29.98 25.60 4.93
N ASN B 64 -30.11 24.36 5.42
CA ASN B 64 -31.00 23.40 4.77
C ASN B 64 -31.85 22.72 5.85
N LEU B 65 -32.85 23.44 6.37
CA LEU B 65 -33.69 22.85 7.40
C LEU B 65 -34.59 21.74 6.86
N ALA B 66 -34.88 21.73 5.56
CA ALA B 66 -35.70 20.65 5.02
C ALA B 66 -34.98 19.33 5.16
N LEU B 67 -33.69 19.35 4.95
CA LEU B 67 -32.93 18.15 5.20
C LEU B 67 -32.67 17.89 6.68
N LEU B 68 -32.34 18.90 7.46
CA LEU B 68 -32.16 18.63 8.87
C LEU B 68 -33.40 17.95 9.42
N ALA B 69 -34.58 18.43 9.02
CA ALA B 69 -35.84 17.84 9.48
C ALA B 69 -36.03 16.44 8.91
N GLU B 70 -35.66 16.21 7.65
CA GLU B 70 -35.79 14.83 7.16
C GLU B 70 -34.85 13.91 7.93
N GLN B 71 -33.65 14.37 8.23
CA GLN B 71 -32.70 13.55 8.97
C GLN B 71 -33.18 13.25 10.38
N VAL B 72 -33.71 14.26 11.09
CA VAL B 72 -34.21 14.04 12.45
C VAL B 72 -35.33 13.00 12.43
N ALA B 73 -36.24 13.09 11.48
CA ALA B 73 -37.33 12.12 11.42
C ALA B 73 -36.82 10.71 11.11
N ALA B 74 -35.84 10.62 10.20
CA ALA B 74 -35.31 9.33 9.75
C ALA B 74 -34.43 8.67 10.81
N PHE B 75 -33.47 9.39 11.32
CA PHE B 75 -32.53 8.80 12.25
C PHE B 75 -32.89 9.01 13.72
N ARG B 76 -33.89 9.84 14.02
CA ARG B 76 -34.35 9.98 15.42
C ARG B 76 -33.14 10.31 16.28
N PRO B 77 -32.34 11.30 15.94
CA PRO B 77 -31.30 11.73 16.87
C PRO B 77 -32.09 12.10 18.12
N GLN B 78 -31.53 11.79 19.32
CA GLN B 78 -31.79 12.25 20.71
C GLN B 78 -31.57 13.75 20.94
N TYR B 79 -30.57 14.28 20.26
CA TYR B 79 -30.12 15.66 20.37
C TYR B 79 -29.80 16.34 19.02
N VAL B 80 -30.09 17.64 18.88
CA VAL B 80 -29.86 18.35 17.61
C VAL B 80 -29.32 19.71 17.95
N TYR B 81 -28.31 20.16 17.25
CA TYR B 81 -27.73 21.48 17.47
C TYR B 81 -28.03 22.28 16.23
N LEU B 82 -28.43 23.53 16.40
CA LEU B 82 -28.76 24.42 15.30
C LEU B 82 -27.94 25.70 15.47
N GLY B 83 -27.10 26.01 14.47
CA GLY B 83 -26.17 27.11 14.62
C GLY B 83 -26.82 28.49 14.65
N ASP B 84 -27.97 28.63 13.99
CA ASP B 84 -28.74 29.88 13.93
C ASP B 84 -30.05 29.69 14.70
N SER B 85 -30.12 30.30 15.89
CA SER B 85 -31.26 30.12 16.77
C SER B 85 -32.53 30.75 16.22
N SER B 86 -32.43 31.63 15.23
CA SER B 86 -33.61 32.27 14.67
C SER B 86 -34.52 31.27 13.96
N LYS B 87 -33.96 30.19 13.40
CA LYS B 87 -34.78 29.27 12.63
C LYS B 87 -35.22 28.08 13.47
N VAL B 88 -35.21 28.24 14.78
CA VAL B 88 -35.75 27.20 15.65
C VAL B 88 -37.22 26.98 15.37
N ALA B 89 -37.93 28.06 15.10
CA ALA B 89 -39.37 27.96 14.95
C ALA B 89 -39.70 27.11 13.74
N GLU B 90 -39.02 27.36 12.61
CA GLU B 90 -39.32 26.60 11.40
C GLU B 90 -38.99 25.12 11.56
N LEU B 91 -37.84 24.81 12.17
CA LEU B 91 -37.51 23.41 12.39
C LEU B 91 -38.59 22.74 13.23
N GLN B 92 -39.00 23.38 14.33
CA GLN B 92 -40.08 22.80 15.12
C GLN B 92 -41.32 22.60 14.26
N GLU B 93 -41.62 23.58 13.41
CA GLU B 93 -42.74 23.46 12.47
C GLU B 93 -42.53 22.26 11.56
N ARG B 94 -41.36 22.19 10.91
CA ARG B 94 -41.11 21.13 9.95
C ARG B 94 -41.15 19.76 10.60
N LEU B 95 -40.61 19.64 11.82
CA LEU B 95 -40.67 18.36 12.53
C LEU B 95 -42.11 17.95 12.81
N ASN B 96 -42.97 18.91 13.17
CA ASN B 96 -44.36 18.55 13.49
C ASN B 96 -45.09 17.98 12.29
N ASP B 97 -44.72 18.41 11.07
CA ASP B 97 -45.36 17.85 9.88
C ASP B 97 -44.99 16.39 9.67
N HIS B 98 -43.72 16.02 9.89
CA HIS B 98 -43.33 14.62 9.74
C HIS B 98 -44.10 13.75 10.71
N GLU B 99 -44.40 14.27 11.90
CA GLU B 99 -45.13 13.50 12.92
C GLU B 99 -46.50 13.06 12.44
N ARG B 100 -47.15 13.83 11.56
CA ARG B 100 -48.45 13.42 11.05
C ARG B 100 -48.32 12.14 10.24
N SER B 101 -47.26 12.02 9.46
CA SER B 101 -46.94 10.77 8.79
C SER B 101 -46.71 9.65 9.79
N ALA B 102 -45.71 9.84 10.67
CA ALA B 102 -45.33 8.82 11.62
C ALA B 102 -44.83 9.51 12.88
N ALA B 103 -45.21 8.98 14.04
CA ALA B 103 -44.79 9.56 15.31
C ALA B 103 -43.34 9.17 15.60
N PHE B 104 -42.54 10.15 16.01
CA PHE B 104 -41.16 9.91 16.41
C PHE B 104 -40.80 10.74 17.63
N PRO B 105 -39.95 10.22 18.51
CA PRO B 105 -39.51 11.00 19.68
C PRO B 105 -38.69 12.21 19.28
N ARG B 106 -39.07 13.34 19.77
CA ARG B 106 -38.51 14.63 19.39
C ARG B 106 -37.13 14.80 20.02
N PRO B 107 -36.19 15.40 19.33
CA PRO B 107 -34.87 15.62 19.92
C PRO B 107 -34.90 16.84 20.83
N ARG B 108 -33.93 16.94 21.73
CA ARG B 108 -33.74 18.20 22.46
C ARG B 108 -32.87 19.08 21.60
N LEU B 109 -33.23 20.35 21.54
CA LEU B 109 -32.50 21.33 20.74
C LEU B 109 -31.37 21.88 21.59
N LEU B 110 -30.21 22.00 21.00
CA LEU B 110 -29.18 22.78 21.63
C LEU B 110 -28.89 23.93 20.69
N LEU B 111 -28.64 25.12 21.28
CA LEU B 111 -28.41 26.37 20.56
C LEU B 111 -27.25 27.13 21.19
N GLY B 112 -26.83 28.18 20.49
CA GLY B 112 -25.87 29.12 21.04
C GLY B 112 -24.45 28.66 20.84
N ASP B 113 -23.53 29.53 21.27
CA ASP B 113 -22.11 29.22 21.05
C ASP B 113 -21.70 27.99 21.83
N GLU B 114 -22.21 27.86 23.05
CA GLU B 114 -21.88 26.71 23.89
C GLU B 114 -22.59 25.42 23.49
N GLY B 115 -23.52 25.45 22.53
CA GLY B 115 -24.24 24.23 22.18
C GLY B 115 -23.38 23.17 21.54
N LEU B 116 -22.48 23.57 20.63
CA LEU B 116 -21.66 22.57 19.94
C LEU B 116 -20.73 21.86 20.90
N ALA B 117 -20.13 22.57 21.85
CA ALA B 117 -19.32 21.87 22.83
C ALA B 117 -20.19 20.99 23.72
N GLU B 118 -21.40 21.46 24.02
CA GLU B 118 -22.28 20.66 24.88
C GLU B 118 -22.68 19.39 24.18
N LEU B 119 -22.97 19.47 22.87
CA LEU B 119 -23.36 18.27 22.13
C LEU B 119 -22.21 17.27 22.09
N ALA B 120 -21.00 17.75 21.85
CA ALA B 120 -19.85 16.86 21.77
C ALA B 120 -19.56 16.24 23.12
N CYS B 121 -20.03 16.84 24.19
CA CYS B 121 -19.81 16.26 25.51
C CYS B 121 -20.98 15.47 26.03
N VAL B 122 -22.03 15.25 25.23
CA VAL B 122 -23.14 14.50 25.84
C VAL B 122 -22.63 13.12 26.17
N PRO B 123 -22.96 12.58 27.31
CA PRO B 123 -22.55 11.20 27.61
C PRO B 123 -23.26 10.28 26.65
N ASN B 124 -23.06 8.99 26.68
CA ASN B 124 -23.91 8.08 25.92
C ASN B 124 -23.71 8.11 24.39
N TYR B 125 -22.50 8.37 23.89
CA TYR B 125 -22.22 8.17 22.47
C TYR B 125 -20.75 7.84 22.35
N ASP B 126 -20.39 7.18 21.26
CA ASP B 126 -19.03 6.69 21.07
C ASP B 126 -18.15 7.51 20.14
N ILE B 127 -18.68 7.97 19.02
CA ILE B 127 -17.86 8.59 18.00
C ILE B 127 -18.46 9.93 17.58
N LEU B 128 -17.60 10.92 17.43
CA LEU B 128 -17.90 12.24 16.92
C LEU B 128 -17.42 12.31 15.48
N VAL B 129 -18.33 12.50 14.53
CA VAL B 129 -17.94 12.73 13.14
C VAL B 129 -17.92 14.24 13.01
N SER B 130 -16.74 14.82 13.14
CA SER B 130 -16.52 16.27 13.14
C SER B 130 -16.39 16.71 11.70
N ALA B 131 -17.52 17.05 11.12
CA ALA B 131 -17.58 17.53 9.75
C ALA B 131 -18.03 18.98 9.68
N ILE B 132 -17.92 19.73 10.76
CA ILE B 132 -18.10 21.17 10.65
C ILE B 132 -16.85 21.75 10.01
N VAL B 133 -17.03 22.74 9.18
CA VAL B 133 -15.91 23.43 8.55
C VAL B 133 -15.44 24.58 9.44
N GLY B 134 -14.13 24.75 9.53
CA GLY B 134 -13.53 25.89 10.21
C GLY B 134 -13.16 25.72 11.67
N PHE B 135 -12.74 26.86 12.26
CA PHE B 135 -12.32 26.92 13.66
C PHE B 135 -13.50 26.66 14.61
N LYS B 136 -14.74 26.60 14.11
CA LYS B 136 -15.81 26.28 15.04
C LYS B 136 -15.88 24.80 15.31
N GLY B 137 -15.06 23.95 14.65
CA GLY B 137 -14.95 22.55 14.99
C GLY B 137 -13.87 22.18 15.98
N VAL B 138 -12.95 23.10 16.23
CA VAL B 138 -11.82 22.82 17.10
C VAL B 138 -12.27 22.43 18.51
N LEU B 139 -12.93 23.34 19.23
CA LEU B 139 -13.27 23.09 20.63
C LEU B 139 -14.16 21.84 20.81
N PRO B 140 -15.26 21.61 20.05
CA PRO B 140 -16.01 20.36 20.33
C PRO B 140 -15.17 19.12 20.03
N THR B 141 -14.35 19.14 18.97
CA THR B 141 -13.47 18.01 18.70
C THR B 141 -12.53 17.77 19.90
N LEU B 142 -11.99 18.85 20.46
CA LEU B 142 -11.03 18.67 21.52
C LEU B 142 -11.69 18.08 22.74
N LYS B 143 -12.88 18.59 23.08
CA LYS B 143 -13.45 18.17 24.35
C LYS B 143 -14.13 16.81 24.21
N ALA B 144 -14.53 16.41 23.00
CA ALA B 144 -14.96 15.03 22.79
C ALA B 144 -13.80 14.06 23.06
N LEU B 145 -12.62 14.33 22.50
CA LEU B 145 -11.49 13.46 22.78
C LEU B 145 -11.23 13.39 24.27
N GLU B 146 -11.31 14.55 24.91
CA GLU B 146 -10.92 14.71 26.30
C GLU B 146 -11.84 13.86 27.15
N ALA B 147 -13.13 13.82 26.73
CA ALA B 147 -14.23 13.07 27.30
C ALA B 147 -14.23 11.60 26.91
N GLY B 148 -13.17 11.11 26.23
CA GLY B 148 -13.00 9.71 25.86
C GLY B 148 -13.71 9.25 24.60
N LYS B 149 -14.27 10.14 23.80
CA LYS B 149 -15.02 9.75 22.63
C LYS B 149 -14.09 9.76 21.43
N ASP B 150 -14.25 8.79 20.56
CA ASP B 150 -13.39 8.76 19.38
C ASP B 150 -13.84 9.88 18.46
N VAL B 151 -12.93 10.39 17.65
CA VAL B 151 -13.25 11.44 16.72
C VAL B 151 -12.80 11.01 15.33
N ALA B 152 -13.76 10.88 14.42
CA ALA B 152 -13.49 10.78 13.00
C ALA B 152 -13.40 12.21 12.48
N LEU B 153 -12.19 12.69 12.21
CA LEU B 153 -11.97 14.11 11.99
C LEU B 153 -11.90 14.35 10.50
N ALA B 154 -12.91 15.05 9.97
CA ALA B 154 -12.81 15.58 8.62
C ALA B 154 -12.17 16.95 8.63
N ASN B 155 -12.47 17.72 9.67
CA ASN B 155 -12.08 19.11 9.83
C ASN B 155 -10.59 19.26 9.97
N LYS B 156 -9.89 19.42 8.83
CA LYS B 156 -8.45 19.61 8.92
C LYS B 156 -8.11 20.89 9.68
N GLU B 157 -8.93 21.94 9.50
CA GLU B 157 -8.59 23.24 10.07
C GLU B 157 -8.29 23.12 11.55
N ALA B 158 -8.96 22.20 12.24
CA ALA B 158 -8.62 22.01 13.65
C ALA B 158 -7.15 21.63 13.81
N LEU B 159 -6.68 20.59 13.10
CA LEU B 159 -5.31 20.13 13.29
C LEU B 159 -4.28 21.15 12.84
N VAL B 160 -4.56 21.92 11.79
CA VAL B 160 -3.62 22.98 11.37
C VAL B 160 -3.41 23.99 12.50
N ALA B 161 -4.52 24.57 12.96
CA ALA B 161 -4.51 25.69 13.90
C ALA B 161 -4.07 25.27 15.29
N ALA B 162 -4.67 24.19 15.82
CA ALA B 162 -4.45 23.76 17.20
C ALA B 162 -3.67 22.45 17.28
N GLY B 163 -2.93 22.10 16.23
CA GLY B 163 -2.17 20.87 16.19
C GLY B 163 -1.41 20.59 17.46
N PRO B 164 -0.69 21.61 17.97
CA PRO B 164 0.05 21.45 19.24
C PRO B 164 -0.83 21.04 20.42
N VAL B 165 -2.02 21.63 20.53
CA VAL B 165 -2.96 21.24 21.57
C VAL B 165 -3.37 19.77 21.43
N PHE B 166 -3.51 19.31 20.19
CA PHE B 166 -3.83 17.90 20.02
C PHE B 166 -2.71 17.04 20.57
N ARG B 167 -1.46 17.40 20.29
CA ARG B 167 -0.32 16.60 20.76
C ARG B 167 -0.23 16.53 22.29
N CYS B 168 -0.51 17.62 23.01
CA CYS B 168 -0.45 17.54 24.46
C CYS B 168 -1.46 16.54 25.00
N LEU B 169 -2.67 16.64 24.49
CA LEU B 169 -3.73 15.73 24.85
C LEU B 169 -3.46 14.30 24.44
N LEU B 170 -3.20 14.09 23.20
CA LEU B 170 -3.02 12.69 22.88
C LEU B 170 -1.68 12.18 23.34
N SER B 171 -0.91 13.03 24.04
CA SER B 171 0.28 12.61 24.78
C SER B 171 1.35 12.06 23.84
N THR B 172 1.44 12.62 22.64
CA THR B 172 2.35 12.12 21.61
C THR B 172 2.73 13.26 20.69
N ARG B 173 3.96 13.20 20.17
CA ARG B 173 4.39 14.04 19.06
C ARG B 173 4.63 13.27 17.76
N GLY B 174 4.37 11.96 17.76
CA GLY B 174 4.45 11.16 16.57
C GLY B 174 3.09 10.96 15.95
N LEU B 175 2.61 9.72 16.00
CA LEU B 175 1.37 9.35 15.34
C LEU B 175 0.20 9.64 16.28
N LEU B 176 -0.64 10.59 15.84
CA LEU B 176 -1.84 11.02 16.54
C LEU B 176 -3.04 10.16 16.23
N TYR B 177 -3.12 9.73 14.98
CA TYR B 177 -4.21 8.89 14.54
C TYR B 177 -4.10 7.54 15.23
N GLY B 178 -5.23 6.95 15.51
CA GLY B 178 -5.21 5.58 15.97
C GLY B 178 -4.96 5.37 17.44
N ASP B 179 -4.62 4.12 17.74
CA ASP B 179 -4.23 3.62 19.05
C ASP B 179 -2.71 3.66 19.25
N GLN B 180 -1.95 3.21 18.26
CA GLN B 180 -0.54 2.81 18.29
C GLN B 180 0.33 3.06 19.51
N GLU B 181 0.61 4.30 19.89
CA GLU B 181 1.37 4.48 21.12
C GLU B 181 0.64 3.86 22.30
N ARG B 182 -0.63 4.23 22.49
CA ARG B 182 -1.44 3.71 23.61
C ARG B 182 -0.79 4.15 24.91
N GLN B 220 -8.90 9.10 33.81
CA GLN B 220 -9.37 8.26 32.72
C GLN B 220 -8.60 8.59 31.43
N LYS B 221 -9.15 8.22 30.26
CA LYS B 221 -8.34 8.15 29.05
C LYS B 221 -9.07 8.61 27.80
N CYS B 222 -8.24 9.02 26.86
CA CYS B 222 -8.61 9.76 25.68
C CYS B 222 -9.16 8.87 24.56
N GLY B 223 -10.02 9.48 23.82
CA GLY B 223 -10.55 8.81 22.68
C GLY B 223 -9.56 8.92 21.55
N LEU B 224 -9.76 8.03 20.59
CA LEU B 224 -8.90 7.93 19.43
C LEU B 224 -9.29 9.00 18.44
N LEU B 225 -8.31 9.43 17.68
CA LEU B 225 -8.53 10.36 16.60
C LEU B 225 -8.33 9.56 15.32
N LEU B 226 -9.28 9.63 14.38
CA LEU B 226 -9.22 8.86 13.16
C LEU B 226 -9.39 9.78 11.95
N PRO B 227 -8.68 9.53 10.87
CA PRO B 227 -8.73 10.48 9.76
C PRO B 227 -9.90 10.17 8.85
N VAL B 228 -10.58 11.21 8.41
CA VAL B 228 -11.60 11.11 7.38
C VAL B 228 -11.10 11.59 6.02
N ASP B 229 -10.32 12.68 5.97
CA ASP B 229 -9.77 13.17 4.71
C ASP B 229 -9.18 12.03 3.89
N SER B 230 -9.37 12.08 2.58
CA SER B 230 -8.87 10.98 1.76
C SER B 230 -7.36 10.80 1.94
N GLU B 231 -6.56 11.88 1.85
CA GLU B 231 -5.11 11.72 1.88
C GLU B 231 -4.64 11.13 3.21
N HIS B 232 -5.17 11.65 4.31
CA HIS B 232 -4.76 11.15 5.61
C HIS B 232 -5.24 9.73 5.82
N SER B 233 -6.44 9.43 5.34
CA SER B 233 -6.90 8.04 5.35
C SER B 233 -5.93 7.15 4.58
N ALA B 234 -5.54 7.56 3.37
CA ALA B 234 -4.65 6.75 2.56
C ALA B 234 -3.36 6.44 3.31
N ILE B 235 -2.67 7.49 3.80
CA ILE B 235 -1.45 7.28 4.58
C ILE B 235 -1.74 6.39 5.78
N PHE B 236 -2.83 6.68 6.49
CA PHE B 236 -3.15 5.91 7.70
C PHE B 236 -3.37 4.42 7.35
N GLN B 237 -4.02 4.12 6.21
CA GLN B 237 -4.22 2.73 5.83
C GLN B 237 -2.88 2.08 5.43
N ALA B 238 -2.05 2.81 4.67
CA ALA B 238 -0.76 2.25 4.26
C ALA B 238 0.13 1.96 5.46
N LEU B 239 0.06 2.78 6.51
CA LEU B 239 0.82 2.57 7.73
C LEU B 239 0.32 1.41 8.58
N GLN B 240 -0.79 0.77 8.24
CA GLN B 240 -1.27 -0.32 9.08
C GLN B 240 -0.29 -1.47 8.87
N GLY B 241 0.15 -2.08 9.95
CA GLY B 241 1.17 -3.10 9.80
C GLY B 241 2.62 -2.60 9.73
N VAL B 242 2.86 -1.32 9.45
CA VAL B 242 4.20 -0.73 9.52
C VAL B 242 4.59 -0.73 10.99
N PRO B 243 5.60 -1.49 11.41
CA PRO B 243 5.92 -1.53 12.85
C PRO B 243 6.58 -0.24 13.29
N ALA B 244 6.63 -0.02 14.60
CA ALA B 244 7.22 1.24 15.06
C ALA B 244 8.69 1.41 14.66
N SER B 245 9.45 0.30 14.56
CA SER B 245 10.85 0.39 14.15
C SER B 245 10.98 1.02 12.77
N CYS B 246 9.90 1.00 11.97
CA CYS B 246 9.92 1.62 10.66
C CYS B 246 9.21 2.95 10.69
N TYR B 247 8.88 3.43 11.88
CA TYR B 247 8.18 4.67 12.08
C TYR B 247 9.07 5.66 12.81
N PRO B 248 9.13 6.94 12.37
CA PRO B 248 8.32 7.54 11.30
C PRO B 248 8.82 7.11 9.91
N PRO B 249 8.01 7.27 8.88
CA PRO B 249 8.43 6.86 7.54
C PRO B 249 9.45 7.82 6.95
N ARG B 250 10.13 7.35 5.91
CA ARG B 250 11.13 8.20 5.27
C ARG B 250 10.49 9.38 4.55
N LYS B 251 9.41 9.16 3.82
CA LYS B 251 8.76 10.23 3.08
C LYS B 251 7.26 10.01 3.10
N LEU B 252 6.54 11.11 3.11
CA LEU B 252 5.10 11.14 3.00
C LEU B 252 4.80 11.78 1.66
N LEU B 253 4.17 11.02 0.77
CA LEU B 253 3.86 11.49 -0.57
C LEU B 253 2.36 11.81 -0.62
N LEU B 254 2.04 13.10 -0.72
CA LEU B 254 0.66 13.55 -0.77
C LEU B 254 0.32 13.86 -2.21
N THR B 255 -0.79 13.31 -2.69
CA THR B 255 -1.14 13.43 -4.09
C THR B 255 -2.15 14.55 -4.21
N ALA B 256 -1.97 15.40 -5.22
CA ALA B 256 -2.87 16.51 -5.47
C ALA B 256 -3.31 16.48 -6.92
N SER B 257 -4.62 16.57 -7.15
CA SER B 257 -5.12 16.63 -8.51
C SER B 257 -4.53 17.81 -9.27
N GLY B 258 -4.11 18.84 -8.56
CA GLY B 258 -3.72 20.06 -9.19
C GLY B 258 -4.86 21.03 -9.36
N GLY B 259 -6.09 20.56 -9.17
CA GLY B 259 -7.24 21.43 -9.27
C GLY B 259 -7.50 21.77 -10.73
N PRO B 260 -8.56 22.54 -11.00
CA PRO B 260 -8.93 22.78 -12.41
C PRO B 260 -7.97 23.70 -13.16
N PHE B 261 -7.13 24.45 -12.46
CA PHE B 261 -6.21 25.37 -13.10
C PHE B 261 -4.78 24.86 -13.06
N ARG B 262 -4.64 23.55 -13.07
CA ARG B 262 -3.34 22.92 -13.15
C ARG B 262 -2.71 23.27 -14.49
N GLY B 263 -1.44 23.62 -14.46
CA GLY B 263 -0.75 23.94 -15.71
C GLY B 263 -1.27 25.16 -16.45
N ARG B 264 -1.69 26.20 -15.73
CA ARG B 264 -2.22 27.42 -16.33
C ARG B 264 -1.26 28.55 -16.00
N THR B 265 -1.15 29.52 -16.89
CA THR B 265 -0.15 30.57 -16.71
C THR B 265 -0.53 31.40 -15.50
N ARG B 266 0.47 32.04 -14.87
CA ARG B 266 0.17 32.66 -13.58
C ARG B 266 -0.77 33.86 -13.74
N ASP B 267 -0.60 34.65 -14.80
CA ASP B 267 -1.52 35.75 -15.07
C ASP B 267 -2.87 35.26 -15.58
N GLU B 268 -2.98 34.00 -16.03
CA GLU B 268 -4.27 33.52 -16.49
C GLU B 268 -5.32 33.45 -15.38
N LEU B 269 -4.88 33.32 -14.12
CA LEU B 269 -5.85 33.17 -13.04
C LEU B 269 -6.49 34.49 -12.63
N GLU B 270 -5.98 35.62 -13.12
CA GLU B 270 -6.70 36.86 -12.94
C GLU B 270 -7.99 36.79 -13.74
N GLN B 271 -7.98 36.12 -14.89
CA GLN B 271 -9.16 35.98 -15.73
C GLN B 271 -10.03 34.82 -15.24
N VAL B 272 -10.25 34.77 -13.93
CA VAL B 272 -10.95 33.61 -13.37
C VAL B 272 -12.28 33.99 -12.76
N THR B 273 -13.21 33.05 -12.82
CA THR B 273 -14.54 33.09 -12.23
C THR B 273 -14.48 32.39 -10.89
N LEU B 274 -15.43 32.71 -10.03
CA LEU B 274 -15.73 31.79 -8.94
C LEU B 274 -16.15 30.43 -9.50
N GLU B 275 -17.06 30.45 -10.47
CA GLU B 275 -17.52 29.24 -11.17
C GLU B 275 -16.40 28.27 -11.55
N SER B 276 -15.31 28.76 -12.17
CA SER B 276 -14.31 27.85 -12.72
C SER B 276 -13.69 26.98 -11.63
N ALA B 277 -13.34 27.59 -10.48
CA ALA B 277 -12.68 26.88 -9.37
C ALA B 277 -13.58 25.83 -8.72
N LEU B 278 -14.89 26.09 -8.71
CA LEU B 278 -15.88 25.20 -8.12
C LEU B 278 -16.23 24.02 -9.01
N LYS B 279 -15.65 23.93 -10.22
CA LYS B 279 -15.78 22.76 -11.07
C LYS B 279 -14.56 21.89 -10.79
N HIS B 280 -14.73 20.85 -9.94
CA HIS B 280 -13.62 19.97 -9.61
C HIS B 280 -13.73 18.72 -10.47
N PRO B 281 -12.64 18.26 -11.13
CA PRO B 281 -12.74 17.06 -11.98
C PRO B 281 -12.97 15.76 -11.21
N LYS B 282 -12.16 15.47 -10.19
CA LYS B 282 -12.19 14.14 -9.59
C LYS B 282 -13.04 14.04 -8.33
N TRP B 283 -13.13 15.08 -7.49
CA TRP B 283 -13.85 14.99 -6.22
C TRP B 283 -15.01 15.98 -6.18
N SER B 284 -16.17 15.53 -5.69
CA SER B 284 -17.33 16.38 -5.47
C SER B 284 -17.52 16.63 -3.98
N MET B 285 -17.35 17.87 -3.54
CA MET B 285 -17.32 18.18 -2.11
C MET B 285 -17.90 19.57 -1.88
N GLY B 286 -17.65 20.12 -0.69
CA GLY B 286 -18.07 21.47 -0.36
C GLY B 286 -17.30 22.56 -1.12
N ALA B 287 -17.76 23.80 -0.89
CA ALA B 287 -17.24 24.97 -1.61
C ALA B 287 -15.89 25.40 -1.05
N LYS B 288 -15.73 25.38 0.27
CA LYS B 288 -14.47 25.79 0.84
C LYS B 288 -13.33 24.98 0.24
N ILE B 289 -13.42 23.63 0.17
CA ILE B 289 -12.15 22.97 -0.20
C ILE B 289 -11.97 22.96 -1.70
N THR B 290 -13.08 22.96 -2.42
CA THR B 290 -12.98 22.90 -3.85
C THR B 290 -12.21 24.11 -4.32
N ILE B 291 -12.43 25.21 -3.61
CA ILE B 291 -11.64 26.38 -3.90
C ILE B 291 -10.19 26.13 -3.49
N ASP B 292 -9.96 25.42 -2.38
CA ASP B 292 -8.61 25.25 -1.79
C ASP B 292 -7.68 24.35 -2.61
N SER B 293 -8.33 23.42 -3.31
CA SER B 293 -7.72 22.48 -4.23
C SER B 293 -7.48 23.10 -5.59
N ALA B 294 -8.24 24.13 -5.93
CA ALA B 294 -7.77 24.98 -6.99
C ALA B 294 -6.61 25.85 -6.54
N THR B 295 -6.61 26.31 -5.27
CA THR B 295 -5.53 27.15 -4.74
C THR B 295 -4.24 26.34 -4.48
N LEU B 296 -4.35 25.04 -4.33
CA LEU B 296 -3.32 24.16 -3.79
C LEU B 296 -3.03 24.46 -2.32
N MET B 297 -3.88 25.24 -1.66
CA MET B 297 -3.79 25.39 -0.23
C MET B 297 -4.42 24.23 0.48
N ASN B 298 -5.30 23.48 -0.20
CA ASN B 298 -5.74 22.21 0.34
C ASN B 298 -4.53 21.33 0.61
N LYS B 299 -3.57 21.32 -0.33
CA LYS B 299 -2.39 20.51 -0.10
C LYS B 299 -1.51 21.14 0.96
N GLY B 300 -1.36 22.48 0.87
CA GLY B 300 -0.66 23.21 1.91
C GLY B 300 -1.21 22.92 3.29
N LEU B 301 -2.54 22.95 3.43
CA LEU B 301 -3.14 22.62 4.71
C LEU B 301 -2.92 21.15 5.08
N GLU B 302 -2.94 20.26 4.09
CA GLU B 302 -2.71 18.85 4.41
C GLU B 302 -1.25 18.60 4.72
N VAL B 303 -0.34 19.38 4.14
CA VAL B 303 1.06 19.32 4.56
C VAL B 303 1.20 19.63 6.05
N ILE B 304 0.56 20.71 6.53
CA ILE B 304 0.66 21.03 7.96
C ILE B 304 -0.09 19.99 8.79
N GLU B 305 -1.26 19.56 8.31
CA GLU B 305 -1.99 18.51 9.03
C GLU B 305 -1.11 17.27 9.16
N ALA B 306 -0.47 16.89 8.05
CA ALA B 306 0.34 15.67 8.07
C ALA B 306 1.45 15.78 9.08
N HIS B 307 2.15 16.93 9.08
CA HIS B 307 3.21 17.16 10.07
C HIS B 307 2.71 16.83 11.48
N PHE B 308 1.59 17.44 11.90
CA PHE B 308 1.08 17.17 13.26
C PHE B 308 0.45 15.77 13.34
N ALA B 309 -0.19 15.30 12.25
CA ALA B 309 -0.94 14.04 12.31
C ALA B 309 -0.02 12.84 12.48
N PHE B 310 1.06 12.79 11.71
CA PHE B 310 2.00 11.66 11.72
C PHE B 310 3.33 11.98 12.38
N GLY B 311 3.58 13.22 12.79
CA GLY B 311 4.85 13.58 13.36
C GLY B 311 6.04 13.48 12.42
N CYS B 312 5.87 14.01 11.20
CA CYS B 312 6.92 13.96 10.21
C CYS B 312 7.42 15.36 9.88
N PRO B 313 8.72 15.52 9.66
CA PRO B 313 9.28 16.82 9.26
C PRO B 313 8.75 17.30 7.92
N TYR B 314 8.72 18.62 7.74
CA TYR B 314 8.32 19.18 6.46
C TYR B 314 9.29 18.84 5.34
N SER B 315 10.56 18.56 5.66
CA SER B 315 11.47 18.09 4.64
C SER B 315 11.04 16.73 4.11
N SER B 316 10.41 15.92 4.97
CA SER B 316 9.92 14.60 4.59
C SER B 316 8.64 14.64 3.79
N ILE B 317 7.86 15.72 3.83
CA ILE B 317 6.54 15.73 3.23
C ILE B 317 6.61 16.37 1.87
N GLU B 318 6.34 15.58 0.86
CA GLU B 318 6.42 15.95 -0.54
C GLU B 318 5.01 15.95 -1.10
N VAL B 319 4.82 16.76 -2.14
CA VAL B 319 3.54 16.89 -2.79
C VAL B 319 3.74 16.52 -4.24
N LEU B 320 2.92 15.59 -4.71
CA LEU B 320 2.94 15.15 -6.09
C LEU B 320 1.62 15.48 -6.74
N VAL B 321 1.68 16.08 -7.91
CA VAL B 321 0.47 16.34 -8.67
C VAL B 321 0.16 15.09 -9.46
N HIS B 322 -0.93 14.43 -9.07
CA HIS B 322 -1.42 13.19 -9.62
C HIS B 322 -2.81 13.51 -10.18
N PRO B 323 -2.90 13.87 -11.45
CA PRO B 323 -4.19 14.31 -12.02
C PRO B 323 -5.34 13.32 -11.93
N GLN B 324 -5.06 12.03 -12.08
CA GLN B 324 -6.13 11.04 -12.17
C GLN B 324 -6.71 10.71 -10.80
N ALA B 325 -6.01 11.05 -9.74
CA ALA B 325 -6.53 10.87 -8.40
C ALA B 325 -6.78 9.41 -8.06
N VAL B 326 -6.07 8.48 -8.71
CA VAL B 326 -6.17 7.07 -8.37
C VAL B 326 -5.40 6.76 -7.09
N ILE B 327 -4.17 7.26 -6.99
CA ILE B 327 -3.37 7.10 -5.78
C ILE B 327 -3.74 8.27 -4.88
N HIS B 328 -4.34 7.95 -3.74
CA HIS B 328 -4.80 8.96 -2.80
C HIS B 328 -3.69 9.46 -1.90
N SER B 329 -2.58 8.74 -1.80
CA SER B 329 -1.38 9.21 -1.13
C SER B 329 -0.51 7.99 -0.84
N ALA B 330 0.71 8.22 -0.35
CA ALA B 330 1.70 7.15 -0.18
C ALA B 330 2.65 7.44 0.96
N VAL B 331 3.33 6.40 1.39
CA VAL B 331 4.37 6.51 2.40
C VAL B 331 5.60 5.77 1.89
N GLU B 332 6.76 6.38 2.07
CA GLU B 332 8.02 5.73 1.71
C GLU B 332 8.73 5.27 2.97
N LEU B 333 9.16 4.02 2.99
CA LEU B 333 9.74 3.45 4.19
C LEU B 333 11.26 3.41 4.05
N ARG B 334 11.93 3.15 5.19
CA ARG B 334 13.39 3.24 5.29
C ARG B 334 14.11 2.33 4.31
N ASP B 335 13.51 1.22 3.93
CA ASP B 335 14.13 0.33 2.96
C ASP B 335 13.93 0.76 1.50
N GLY B 336 13.24 1.86 1.24
CA GLY B 336 12.90 2.28 -0.11
C GLY B 336 11.60 1.72 -0.63
N ALA B 337 10.84 1.05 0.21
CA ALA B 337 9.54 0.52 -0.16
C ALA B 337 8.51 1.61 -0.01
N THR B 338 7.72 1.84 -1.05
CA THR B 338 6.62 2.78 -0.96
C THR B 338 5.28 2.04 -0.95
N LEU B 339 4.45 2.34 0.04
CA LEU B 339 3.11 1.80 0.22
C LEU B 339 2.08 2.87 -0.15
N ALA B 340 1.19 2.50 -1.06
CA ALA B 340 0.21 3.42 -1.61
C ALA B 340 -1.21 2.86 -1.50
N GLN B 341 -2.17 3.74 -1.25
CA GLN B 341 -3.58 3.33 -1.24
C GLN B 341 -4.26 3.90 -2.47
N LEU B 342 -4.93 3.04 -3.21
CA LEU B 342 -5.56 3.41 -4.47
C LEU B 342 -7.06 3.26 -4.32
N GLY B 343 -7.79 4.06 -5.07
CA GLY B 343 -9.24 3.94 -5.01
C GLY B 343 -9.93 4.94 -5.90
N LEU B 344 -11.25 4.83 -5.90
CA LEU B 344 -12.09 5.78 -6.59
C LEU B 344 -12.32 7.02 -5.71
N PRO B 345 -12.73 8.13 -6.31
CA PRO B 345 -12.90 9.38 -5.53
C PRO B 345 -14.21 9.41 -4.76
N ASP B 346 -14.35 8.57 -3.74
CA ASP B 346 -15.58 8.52 -2.94
C ASP B 346 -15.22 8.54 -1.48
N MET B 347 -15.80 9.46 -0.72
CA MET B 347 -15.47 9.59 0.67
C MET B 347 -16.21 8.61 1.55
N LYS B 348 -17.03 7.74 0.97
CA LYS B 348 -17.67 6.77 1.83
C LYS B 348 -16.70 5.71 2.27
N LEU B 349 -15.61 5.43 1.50
CA LEU B 349 -14.63 4.54 1.91
C LEU B 349 -13.84 5.12 3.15
N PRO B 350 -13.21 6.27 2.96
CA PRO B 350 -12.51 6.83 4.14
C PRO B 350 -13.43 7.08 5.33
N ILE B 351 -14.65 7.56 5.09
CA ILE B 351 -15.57 7.80 6.21
C ILE B 351 -15.85 6.50 6.94
N ALA B 352 -16.23 5.48 6.17
CA ALA B 352 -16.55 4.20 6.77
C ALA B 352 -15.36 3.65 7.55
N TYR B 353 -14.12 3.76 7.00
CA TYR B 353 -12.94 3.21 7.69
C TYR B 353 -12.68 3.93 9.01
N ALA B 354 -12.87 5.25 9.05
CA ALA B 354 -12.75 5.96 10.32
C ALA B 354 -13.74 5.44 11.35
N LEU B 355 -14.94 5.04 10.93
CA LEU B 355 -15.93 4.56 11.90
C LEU B 355 -15.74 3.09 12.23
N THR B 356 -15.12 2.30 11.36
CA THR B 356 -14.96 0.88 11.60
C THR B 356 -13.52 0.44 11.87
N TRP B 357 -12.55 1.36 11.84
CA TRP B 357 -11.13 0.96 11.90
C TRP B 357 -10.92 0.00 13.09
N PRO B 358 -10.29 -1.15 12.87
CA PRO B 358 -9.56 -1.62 11.69
C PRO B 358 -10.36 -2.44 10.70
N HIS B 359 -11.64 -2.69 10.94
CA HIS B 359 -12.40 -3.48 9.99
C HIS B 359 -12.80 -2.61 8.80
N ARG B 360 -13.12 -3.26 7.67
CA ARG B 360 -13.56 -2.55 6.46
C ARG B 360 -14.94 -3.07 6.05
N LEU B 361 -15.91 -2.18 5.87
CA LEU B 361 -17.26 -2.62 5.52
C LEU B 361 -17.39 -2.90 4.03
N ALA B 362 -18.09 -3.96 3.72
CA ALA B 362 -18.34 -4.31 2.33
C ALA B 362 -19.72 -3.77 2.04
N ALA B 363 -19.81 -2.83 1.10
CA ALA B 363 -21.02 -2.09 0.85
C ALA B 363 -21.40 -2.18 -0.63
N PRO B 364 -22.67 -1.89 -0.99
CA PRO B 364 -23.03 -1.91 -2.42
C PRO B 364 -22.18 -0.95 -3.27
N TRP B 365 -21.84 0.21 -2.74
CA TRP B 365 -21.03 1.19 -3.47
C TRP B 365 -19.51 0.89 -3.44
N SER B 366 -19.04 -0.25 -2.91
CA SER B 366 -17.60 -0.53 -2.72
C SER B 366 -16.90 -1.03 -3.97
N ALA B 367 -16.92 -0.25 -5.05
CA ALA B 367 -16.59 -0.79 -6.38
C ALA B 367 -15.10 -1.12 -6.54
N GLY B 368 -14.22 -0.14 -6.32
CA GLY B 368 -12.80 -0.46 -6.50
C GLY B 368 -12.23 -0.03 -7.85
N VAL B 369 -10.97 0.36 -7.86
CA VAL B 369 -10.40 0.98 -9.06
C VAL B 369 -9.81 -0.14 -9.93
N ASP B 370 -9.96 0.00 -11.25
CA ASP B 370 -9.46 -0.95 -12.24
C ASP B 370 -8.41 -0.24 -13.08
N LEU B 371 -7.15 -0.68 -12.97
CA LEU B 371 -6.09 0.10 -13.61
C LEU B 371 -6.08 0.00 -15.11
N THR B 372 -6.62 -1.08 -15.65
CA THR B 372 -6.76 -1.22 -17.09
C THR B 372 -7.69 -0.13 -17.59
N ARG B 373 -8.66 0.27 -16.79
CA ARG B 373 -9.55 1.27 -17.33
C ARG B 373 -8.91 2.60 -17.28
N GLU B 374 -8.21 2.84 -16.19
CA GLU B 374 -7.62 4.15 -16.02
C GLU B 374 -6.55 4.38 -17.07
N GLY B 375 -5.84 3.33 -17.44
CA GLY B 375 -4.95 3.53 -18.56
C GLY B 375 -3.57 4.03 -18.17
N ASN B 376 -3.48 5.34 -17.89
CA ASN B 376 -2.24 6.03 -17.57
C ASN B 376 -2.31 6.77 -16.23
N LEU B 377 -1.21 6.75 -15.48
CA LEU B 377 -1.11 7.46 -14.22
C LEU B 377 0.07 8.40 -14.38
N THR B 378 -0.14 9.70 -14.22
CA THR B 378 0.94 10.66 -14.42
C THR B 378 1.21 11.37 -13.11
N PHE B 379 2.49 11.65 -12.87
CA PHE B 379 2.96 12.30 -11.67
C PHE B 379 3.97 13.38 -11.99
N GLU B 380 3.79 14.55 -11.38
CA GLU B 380 4.65 15.69 -11.67
C GLU B 380 4.86 16.51 -10.40
N LYS B 381 5.95 17.26 -10.38
CA LYS B 381 6.17 18.13 -9.25
C LYS B 381 5.26 19.36 -9.37
N PRO B 382 4.69 19.83 -8.27
CA PRO B 382 3.84 21.04 -8.34
C PRO B 382 4.67 22.28 -8.68
N ASP B 383 3.98 23.28 -9.22
CA ASP B 383 4.58 24.55 -9.64
C ASP B 383 4.40 25.59 -8.54
N LEU B 384 5.44 25.76 -7.70
CA LEU B 384 5.26 26.60 -6.54
C LEU B 384 5.26 28.08 -6.90
N ASN B 385 5.78 28.41 -8.08
CA ASN B 385 5.62 29.76 -8.61
C ASN B 385 4.16 30.06 -8.90
N THR B 386 3.50 29.23 -9.70
CA THR B 386 2.12 29.53 -10.04
C THR B 386 1.24 29.65 -8.79
N PHE B 387 1.23 28.61 -7.96
CA PHE B 387 0.35 28.58 -6.78
C PHE B 387 1.24 28.69 -5.54
N GLY B 388 1.45 29.94 -5.08
CA GLY B 388 2.33 30.15 -3.94
C GLY B 388 1.75 29.75 -2.60
N CYS B 389 0.46 29.44 -2.53
CA CYS B 389 -0.14 29.04 -1.26
C CYS B 389 0.60 27.84 -0.66
N LEU B 390 1.03 26.90 -1.51
CA LEU B 390 1.75 25.74 -1.01
C LEU B 390 3.04 26.14 -0.32
N GLY B 391 3.85 26.96 -0.98
CA GLY B 391 5.06 27.46 -0.32
C GLY B 391 4.77 28.18 0.99
N LEU B 392 3.72 29.01 1.01
CA LEU B 392 3.38 29.69 2.25
C LEU B 392 3.05 28.70 3.36
N ALA B 393 2.40 27.59 3.02
CA ALA B 393 2.06 26.61 4.06
C ALA B 393 3.30 25.93 4.59
N TYR B 394 4.28 25.68 3.74
CA TYR B 394 5.53 25.11 4.22
C TYR B 394 6.24 26.07 5.19
N GLU B 395 6.48 27.31 4.77
CA GLU B 395 7.01 28.33 5.68
C GLU B 395 6.12 28.56 6.94
N ALA B 396 4.80 28.69 6.78
CA ALA B 396 3.98 28.76 8.01
C ALA B 396 4.23 27.54 8.88
N GLY B 397 4.42 26.37 8.27
CA GLY B 397 4.68 25.18 9.04
C GLY B 397 6.05 25.18 9.69
N GLU B 398 7.07 25.60 8.94
CA GLU B 398 8.41 25.60 9.48
C GLU B 398 8.62 26.73 10.49
N ARG B 399 7.98 27.85 10.24
CA ARG B 399 7.93 28.92 11.23
C ARG B 399 7.35 28.41 12.52
N GLY B 400 6.25 27.64 12.42
CA GLY B 400 5.60 27.03 13.57
C GLY B 400 4.73 27.99 14.34
N GLY B 401 4.49 27.57 15.57
CA GLY B 401 3.70 28.34 16.50
C GLY B 401 2.31 28.57 15.96
N VAL B 402 1.94 29.85 15.88
CA VAL B 402 0.61 30.23 15.42
C VAL B 402 0.65 30.73 13.99
N ALA B 403 1.80 30.66 13.32
CA ALA B 403 1.80 30.96 11.89
C ALA B 403 0.81 30.08 11.15
N PRO B 404 0.77 28.74 11.37
CA PRO B 404 -0.30 27.92 10.75
C PRO B 404 -1.68 28.48 11.01
N ALA B 405 -2.05 28.71 12.28
CA ALA B 405 -3.37 29.29 12.59
C ALA B 405 -3.63 30.55 11.78
N CYS B 406 -2.62 31.39 11.61
CA CYS B 406 -2.79 32.61 10.85
C CYS B 406 -2.99 32.30 9.38
N LEU B 407 -2.31 31.27 8.87
CA LEU B 407 -2.51 30.83 7.50
C LEU B 407 -3.93 30.33 7.30
N ASN B 408 -4.41 29.49 8.22
CA ASN B 408 -5.76 28.96 8.15
C ASN B 408 -6.79 30.08 8.24
N ALA B 409 -6.63 30.98 9.21
CA ALA B 409 -7.60 32.06 9.39
C ALA B 409 -7.64 33.00 8.17
N ALA B 410 -6.47 33.45 7.70
CA ALA B 410 -6.45 34.34 6.54
C ALA B 410 -7.08 33.67 5.33
N ASN B 411 -6.81 32.37 5.15
CA ASN B 411 -7.37 31.62 4.02
C ASN B 411 -8.90 31.52 4.09
N GLU B 412 -9.45 31.03 5.22
CA GLU B 412 -10.89 30.90 5.39
C GLU B 412 -11.59 32.23 5.07
N VAL B 413 -11.08 33.35 5.63
CA VAL B 413 -11.64 34.66 5.30
C VAL B 413 -11.49 34.97 3.81
N ALA B 414 -10.30 34.76 3.26
CA ALA B 414 -10.09 35.08 1.85
C ALA B 414 -10.98 34.21 0.97
N VAL B 415 -11.26 32.98 1.39
CA VAL B 415 -12.15 32.09 0.63
C VAL B 415 -13.58 32.64 0.65
N GLU B 416 -14.04 33.14 1.80
CA GLU B 416 -15.37 33.74 1.84
C GLU B 416 -15.44 35.03 1.02
N ARG B 417 -14.43 35.90 1.14
CA ARG B 417 -14.38 37.13 0.34
C ARG B 417 -14.30 36.84 -1.16
N PHE B 418 -13.60 35.75 -1.55
CA PHE B 418 -13.67 35.29 -2.94
C PHE B 418 -15.06 34.82 -3.34
N ARG B 419 -15.67 33.97 -2.49
CA ARG B 419 -17.02 33.49 -2.74
C ARG B 419 -18.12 34.53 -2.58
N ASN B 420 -17.94 35.61 -1.72
CA ASN B 420 -18.80 36.82 -1.64
C ASN B 420 -18.17 38.03 -2.37
N LYS B 421 -17.68 37.80 -3.67
CA LYS B 421 -17.75 38.76 -4.79
C LYS B 421 -16.88 39.94 -4.43
N GLU B 422 -16.27 40.08 -3.18
CA GLU B 422 -15.27 41.17 -2.83
C GLU B 422 -13.84 41.05 -3.50
N ILE B 423 -13.31 39.82 -3.62
CA ILE B 423 -11.96 39.62 -4.17
C ILE B 423 -11.97 38.50 -5.20
N GLY B 424 -10.89 38.45 -5.97
CA GLY B 424 -10.67 37.43 -6.96
C GLY B 424 -9.79 36.31 -6.43
N PHE B 425 -9.43 35.37 -7.32
CA PHE B 425 -8.64 34.20 -6.92
C PHE B 425 -7.22 34.59 -6.51
N VAL B 426 -6.48 35.31 -7.36
CA VAL B 426 -5.11 35.64 -7.00
C VAL B 426 -5.03 36.38 -5.67
N ASP B 427 -6.14 37.02 -5.24
CA ASP B 427 -6.10 37.79 -4.00
C ASP B 427 -6.17 36.92 -2.75
N ILE B 428 -6.62 35.67 -2.87
CA ILE B 428 -6.56 34.74 -1.74
C ILE B 428 -5.11 34.49 -1.32
N GLU B 429 -4.21 34.28 -2.30
CA GLU B 429 -2.80 34.12 -1.97
C GLU B 429 -2.23 35.38 -1.33
N ASP B 430 -2.47 36.55 -1.94
CA ASP B 430 -1.94 37.81 -1.40
C ASP B 430 -2.54 38.17 -0.04
N THR B 431 -3.82 37.79 0.19
CA THR B 431 -4.47 37.96 1.51
C THR B 431 -3.73 37.22 2.61
N VAL B 432 -3.60 35.89 2.45
CA VAL B 432 -2.84 35.05 3.38
C VAL B 432 -1.38 35.50 3.38
N ARG B 433 -0.89 35.86 2.21
CA ARG B 433 0.49 36.24 2.14
C ARG B 433 0.78 37.48 3.01
N HIS B 434 -0.05 38.52 2.85
CA HIS B 434 0.08 39.74 3.63
C HIS B 434 0.06 39.41 5.11
N VAL B 435 -0.96 38.65 5.55
CA VAL B 435 -1.10 38.34 6.97
C VAL B 435 0.13 37.64 7.52
N MET B 436 0.79 36.82 6.70
CA MET B 436 1.95 36.08 7.21
C MET B 436 3.18 36.98 7.30
N ALA B 437 3.21 38.05 6.50
CA ALA B 437 4.18 39.13 6.70
C ALA B 437 4.00 39.78 8.06
N LEU B 438 2.75 40.02 8.46
CA LEU B 438 2.53 40.69 9.73
C LEU B 438 2.99 39.81 10.91
N GLN B 439 2.74 38.51 10.87
CA GLN B 439 3.12 37.66 11.98
C GLN B 439 4.64 37.46 12.01
N GLU B 440 5.32 37.82 10.91
CA GLU B 440 6.78 37.81 10.86
C GLU B 440 7.35 38.83 11.81
N ARG B 441 7.04 40.10 11.53
CA ARG B 441 7.57 41.19 12.31
C ARG B 441 6.76 41.29 13.57
N GLU B 442 5.43 41.21 13.40
CA GLU B 442 4.50 41.78 14.39
C GLU B 442 4.49 41.10 15.76
N ARG B 443 5.11 39.93 15.90
CA ARG B 443 5.01 39.18 17.13
C ARG B 443 6.27 38.35 17.29
N ASP B 444 6.69 38.20 18.53
CA ASP B 444 7.87 37.43 18.86
C ASP B 444 7.42 36.16 19.54
N ASN B 445 8.33 35.20 19.57
CA ASN B 445 7.96 33.79 19.67
C ASN B 445 7.50 33.37 21.05
N PHE B 446 6.40 32.58 21.05
CA PHE B 446 5.85 31.85 22.20
C PHE B 446 5.17 30.56 21.70
N SER B 447 6.03 29.59 21.29
CA SER B 447 5.74 28.26 20.77
C SER B 447 5.34 27.32 21.90
N ASP B 448 5.43 27.81 23.15
CA ASP B 448 4.51 27.42 24.23
C ASP B 448 3.13 27.77 23.67
N VAL B 449 2.44 26.84 23.02
CA VAL B 449 1.24 27.15 22.23
C VAL B 449 0.02 26.62 22.96
N SER B 450 -0.73 27.56 23.52
CA SER B 450 -1.98 27.34 24.23
C SER B 450 -3.19 27.34 23.28
N LEU B 451 -4.28 26.73 23.74
CA LEU B 451 -5.54 26.87 23.01
C LEU B 451 -5.90 28.36 22.85
N GLN B 452 -5.75 29.13 23.92
CA GLN B 452 -6.11 30.54 23.82
C GLN B 452 -5.13 31.28 22.89
N ASP B 453 -3.85 30.86 22.84
CA ASP B 453 -2.91 31.44 21.89
C ASP B 453 -3.41 31.21 20.46
N VAL B 454 -3.90 30.00 20.19
CA VAL B 454 -4.56 29.71 18.92
C VAL B 454 -5.81 30.58 18.77
N PHE B 455 -6.60 30.70 19.85
CA PHE B 455 -7.80 31.51 19.78
C PHE B 455 -7.51 32.96 19.42
N ASP B 456 -6.63 33.63 20.18
CA ASP B 456 -6.33 35.04 19.88
C ASP B 456 -5.76 35.19 18.48
N ALA B 457 -4.86 34.27 18.08
CA ALA B 457 -4.19 34.33 16.79
C ALA B 457 -5.17 34.18 15.63
N ASP B 458 -6.06 33.17 15.71
CA ASP B 458 -7.15 33.02 14.74
C ASP B 458 -7.88 34.34 14.57
N HIS B 459 -8.33 34.93 15.68
CA HIS B 459 -9.02 36.23 15.64
C HIS B 459 -8.14 37.34 15.07
N TRP B 460 -6.91 37.48 15.58
CA TRP B 460 -6.02 38.49 15.01
C TRP B 460 -5.86 38.32 13.50
N ALA B 461 -5.70 37.08 13.03
CA ALA B 461 -5.33 36.83 11.64
C ALA B 461 -6.45 37.22 10.71
N ARG B 462 -7.68 36.77 11.11
CA ARG B 462 -8.82 37.07 10.28
C ARG B 462 -9.14 38.53 10.35
N THR B 463 -8.96 39.16 11.53
CA THR B 463 -9.14 40.61 11.60
C THR B 463 -8.16 41.28 10.64
N ALA B 464 -6.91 40.81 10.61
CA ALA B 464 -5.94 41.30 9.63
C ALA B 464 -6.37 40.97 8.20
N ALA B 465 -6.97 39.79 8.01
CA ALA B 465 -7.48 39.37 6.71
C ALA B 465 -8.67 40.23 6.27
N ARG B 466 -9.78 40.19 7.03
CA ARG B 466 -10.96 40.98 6.66
CA ARG B 466 -10.96 40.98 6.65
C ARG B 466 -10.58 42.42 6.30
N ALA B 467 -9.55 42.96 6.96
CA ALA B 467 -9.17 44.36 6.79
C ALA B 467 -8.14 44.54 5.68
N PHE B 468 -7.49 43.45 5.26
CA PHE B 468 -6.53 43.55 4.17
C PHE B 468 -7.29 44.01 2.94
N LYS B 469 -6.79 45.02 2.23
CA LYS B 469 -7.48 45.46 1.06
C LYS B 469 -6.61 45.27 -0.15
N PRO B 470 -7.03 44.43 -1.05
CA PRO B 470 -6.25 44.11 -2.22
C PRO B 470 -6.27 45.20 -3.27
N ARG B 471 -5.15 45.31 -3.98
CA ARG B 471 -5.12 46.21 -5.11
C ARG B 471 -6.21 45.77 -6.09
N LYS B 472 -6.82 46.73 -6.76
CA LYS B 472 -7.95 46.41 -7.64
C LYS B 472 -7.75 46.94 -9.06
PA NAP C . 19.97 -18.80 -11.03
O1A NAP C . 20.48 -17.38 -11.08
O2A NAP C . 20.09 -19.55 -12.34
O5B NAP C . 20.72 -19.58 -9.76
C5B NAP C . 20.70 -20.98 -9.68
C4B NAP C . 21.34 -21.43 -8.33
O4B NAP C . 20.97 -22.66 -8.05
C3B NAP C . 22.88 -21.45 -8.50
O3B NAP C . 23.52 -21.08 -7.36
C2B NAP C . 23.11 -22.95 -8.83
O2B NAP C . 24.57 -23.28 -8.73
C1B NAP C . 22.31 -23.54 -7.95
N9A NAP C . 21.99 -24.85 -8.40
C8A NAP C . 21.62 -25.36 -9.59
N7A NAP C . 21.51 -26.70 -9.45
C5A NAP C . 21.80 -27.00 -8.17
C6A NAP C . 21.83 -28.20 -7.56
N6A NAP C . 21.57 -29.51 -8.05
N1A NAP C . 22.16 -28.28 -6.29
C2A NAP C . 22.49 -27.14 -5.63
N3A NAP C . 22.46 -25.92 -6.23
C4A NAP C . 22.10 -25.87 -7.53
O3 NAP C . 18.44 -18.70 -10.48
PN NAP C . 17.75 -17.35 -9.80
O1N NAP C . 17.68 -16.21 -10.80
O2N NAP C . 18.46 -16.90 -8.54
O5D NAP C . 16.26 -17.93 -9.42
C5D NAP C . 16.23 -18.79 -8.31
C4D NAP C . 14.78 -19.23 -8.09
O4D NAP C . 14.23 -18.25 -7.40
C3D NAP C . 13.91 -19.33 -9.36
O3D NAP C . 12.91 -20.21 -9.07
C2D NAP C . 13.25 -17.95 -9.56
O2D NAP C . 12.04 -18.23 -10.39
C1D NAP C . 13.10 -17.52 -8.34
N1N NAP C . 13.16 -16.04 -8.39
C2N NAP C . 14.21 -15.33 -8.93
C3N NAP C . 14.21 -13.95 -8.97
C7N NAP C . 15.42 -13.24 -9.61
O7N NAP C . 16.35 -13.84 -10.02
N7N NAP C . 15.44 -11.79 -9.80
C4N NAP C . 13.15 -13.27 -8.45
C5N NAP C . 12.10 -13.98 -7.92
C6N NAP C . 12.10 -15.35 -7.89
P2B NAP C . 25.50 -23.10 -10.09
O1X NAP C . 25.47 -24.38 -10.88
O2X NAP C . 25.05 -22.03 -11.04
O3X NAP C . 26.87 -22.77 -9.62
H51A NAP C . 19.77 -21.29 -9.72
H52A NAP C . 21.20 -21.36 -10.42
H4B NAP C . 21.09 -20.83 -7.60
H3B NAP C . 23.18 -20.86 -9.20
HO3A NAP C . 24.17 -20.57 -7.59
H2B NAP C . 22.85 -23.23 -9.72
H1B NAP C . 22.70 -23.55 -7.07
H8A NAP C . 21.47 -24.89 -10.37
H61A NAP C . 20.75 -29.81 -8.08
H62A NAP C . 22.22 -30.00 -8.33
H2A NAP C . 22.74 -27.19 -4.73
H51N NAP C . 16.57 -18.33 -7.53
H52N NAP C . 16.79 -19.57 -8.49
H4D NAP C . 14.76 -20.11 -7.68
H3D NAP C . 14.45 -19.56 -10.12
HO3N NAP C . 13.11 -21.01 -9.31
H2D NAP C . 13.76 -17.24 -10.01
HO2N NAP C . 12.24 -18.21 -11.23
H1D NAP C . 12.26 -17.79 -7.93
H2N NAP C . 14.94 -15.79 -9.27
H71N NAP C . 16.12 -11.42 -10.17
H72N NAP C . 14.78 -11.30 -9.53
H4N NAP C . 13.14 -12.35 -8.46
H5N NAP C . 11.37 -13.51 -7.58
H6N NAP C . 11.38 -15.82 -7.53
O2 FOM D . 9.38 -12.26 -10.79
N1 FOM D . 9.80 -10.91 -10.91
C1 FOM D . 10.73 -10.37 -9.94
O1 FOM D . 11.14 -11.08 -9.07
C2 FOM D . 9.23 -10.06 -11.95
C3 FOM D . 10.07 -9.76 -13.20
C4 FOM D . 9.50 -10.64 -14.31
PA1 FOM D . 7.91 -10.06 -15.11
OP1 FOM D . 8.14 -9.60 -16.52
OP2 FOM D . 7.28 -8.92 -14.34
OP3 FOM D . 6.99 -11.23 -15.18
HO2 FOM D . 8.78 -12.31 -10.20
H1 FOM D . 11.00 -9.48 -9.98
H21 FOM D . 8.42 -10.49 -12.26
H22 FOM D . 9.02 -9.21 -11.55
H31 FOM D . 9.99 -8.82 -13.43
H32 FOM D . 11.00 -9.98 -13.03
H41 FOM D . 9.33 -11.52 -13.93
H42 FOM D . 10.17 -10.72 -15.00
CL CL E . -3.34 -18.46 7.89
MG MG F . 30.22 -18.16 9.09
MG MG G . -10.94 -27.75 -9.19
MG MG H . 19.96 -17.58 -6.77
PA NAP I . -19.73 21.88 3.89
O1A NAP I . -20.29 21.06 2.74
O2A NAP I . -19.41 23.33 3.58
O5B NAP I . -20.77 21.80 5.16
C5B NAP I . -20.78 22.68 6.27
C4B NAP I . -21.75 21.91 7.20
O4B NAP I . -21.52 22.19 8.46
C3B NAP I . -23.26 22.16 7.03
O3B NAP I . -23.82 20.97 7.46
C2B NAP I . -23.59 23.36 7.97
O2B NAP I . -25.05 23.47 8.24
C1B NAP I . -22.82 23.06 8.99
N9A NAP I . -22.36 24.30 9.56
C8A NAP I . -21.76 25.38 9.08
N7A NAP I . -21.55 26.23 10.09
C5A NAP I . -22.03 25.65 11.21
C6A NAP I . -22.06 26.09 12.50
N6A NAP I . -21.59 27.32 13.12
N1A NAP I . -22.58 25.32 13.43
C2A NAP I . -23.08 24.10 13.09
N3A NAP I . -23.05 23.66 11.82
C4A NAP I . -22.52 24.46 10.88
O3 NAP I . -18.38 21.07 4.37
PN NAP I . -17.90 19.53 4.01
O1N NAP I . -17.66 19.38 2.52
O2N NAP I . -18.90 18.50 4.53
O5D NAP I . -16.47 19.52 4.85
C5D NAP I . -16.45 19.48 6.25
C4D NAP I . -14.99 19.64 6.77
O4D NAP I . -14.49 18.45 6.53
C3D NAP I . -14.19 20.74 6.02
O3D NAP I . -13.38 21.38 6.90
C2D NAP I . -13.26 19.93 5.08
O2D NAP I . -11.84 20.49 4.96
C1D NAP I . -13.14 18.77 5.69
N1N NAP I . -12.92 17.72 4.70
C2N NAP I . -13.86 17.52 3.73
C3N NAP I . -13.67 16.52 2.81
C7N NAP I . -14.76 16.38 1.75
O7N NAP I . -14.69 15.51 0.96
N7N NAP I . -15.84 17.37 1.67
C4N NAP I . -12.53 15.78 2.85
C5N NAP I . -11.59 15.99 3.82
C6N NAP I . -11.80 16.97 4.75
P2B NAP I . -25.91 24.19 7.02
O1X NAP I . -27.39 24.01 7.30
O2X NAP I . -25.44 25.60 6.84
O3X NAP I . -25.61 23.52 5.71
H51A NAP I . -21.12 23.56 6.02
H52A NAP I . -19.89 22.78 6.66
H4B NAP I . -21.60 20.98 6.97
H3B NAP I . -23.57 22.43 6.15
HO3A NAP I . -24.34 20.63 6.89
H2B NAP I . -23.34 24.24 7.63
H1B NAP I . -23.31 22.49 9.61
H8A NAP I . -21.51 25.54 8.20
H61A NAP I . -21.36 27.98 12.63
H62A NAP I . -21.53 27.37 13.98
H2A NAP I . -23.45 23.56 13.76
H51N NAP I . -16.81 18.64 6.56
H52N NAP I . -17.00 20.21 6.60
H4D NAP I . -14.89 19.92 7.68
H3D NAP I . -14.79 21.34 5.56
HO3N NAP I . -13.29 22.18 6.67
H2D NAP I . -13.68 19.92 4.21
HO2N NAP I . -11.92 21.33 5.06
H1D NAP I . -12.42 18.83 6.32
H2N NAP I . -14.62 18.04 3.70
H71N NAP I . -16.43 17.30 1.05
H72N NAP I . -15.90 18.01 2.24
H4N NAP I . -12.38 15.13 2.21
H5N NAP I . -10.81 15.47 3.84
H6N NAP I . -11.17 17.12 5.41
O2 FOM J . -10.67 14.38 -1.36
N1 FOM J . -9.54 15.07 -0.86
C1 FOM J . -9.44 15.21 0.59
O1 FOM J . -10.30 14.76 1.28
C2 FOM J . -8.51 15.53 -1.80
C3 FOM J . -9.10 16.27 -3.00
C4 FOM J . -8.63 17.72 -3.16
PA1 FOM J . -7.03 17.81 -4.13
OP1 FOM J . -6.04 18.77 -3.45
OP2 FOM J . -7.28 18.39 -5.50
OP3 FOM J . -6.46 16.41 -4.35
HO2 FOM J . -10.60 13.55 -1.19
H1 FOM J . -8.71 15.64 0.97
H21 FOM J . -7.92 16.14 -1.32
H22 FOM J . -8.02 14.77 -2.11
H31 FOM J . -10.07 16.28 -2.91
H32 FOM J . -8.86 15.78 -3.81
H41 FOM J . -8.50 18.10 -2.28
H42 FOM J . -9.31 18.22 -3.63
CL CL K . -13.85 40.86 -8.03
MG MG L . -31.61 7.18 16.93
#